data_7XB1
#
_entry.id   7XB1
#
_cell.length_a   101.050
_cell.length_b   101.050
_cell.length_c   222.207
_cell.angle_alpha   90.000
_cell.angle_beta   90.000
_cell.angle_gamma   90.000
#
_symmetry.space_group_name_H-M   'P 41 21 2'
#
loop_
_entity.id
_entity.type
_entity.pdbx_description
1 polymer 'Angiotensin-converting enzyme 2'
2 polymer 'Spike protein S1'
3 branched 2-acetamido-2-deoxy-beta-D-glucopyranose-(1-4)-2-acetamido-2-deoxy-beta-D-glucopyranose
4 branched beta-D-mannopyranose-(1-4)-2-acetamido-2-deoxy-beta-D-glucopyranose-(1-4)-[alpha-L-fucopyranose-(1-6)]2-acetamido-2-deoxy-beta-D-glucopyranose
5 branched beta-D-mannopyranose-(1-4)-2-acetamido-2-deoxy-beta-D-glucopyranose-(1-4)-2-acetamido-2-deoxy-beta-D-glucopyranose
6 non-polymer 'ZINC ION'
7 non-polymer 2-acetamido-2-deoxy-beta-D-glucopyranose
8 water water
#
loop_
_entity_poly.entity_id
_entity_poly.type
_entity_poly.pdbx_seq_one_letter_code
_entity_poly.pdbx_strand_id
1 'polypeptide(L)'
;STIEEQAKTFLDKFNHEAEDLFYQSSLASWNYNTNITEENVQNMNNAGDKWSAFLKEQSTLAQMYPLQEIQNLTVKLQLQ
ALQQNGSSVLSEDKSKRLNTILNTMSTIYSTGKVCNPDNPQECLLLEPGLNEIMANSLDYNERLWAWESWRSEVGKQLRP
LYEEYVVLKNEMARANHYEDYGDYWRGDYEVNGVDGYDYSRGQLIEDVEHTFEEIKPLYEHLHAYVRAKLMNAYPSYISP
IGCLPAHLLGDMWGRFWTNLYSLTVPFGQKPNIDVTDAMVDQAWDAQRIFKEAEKFFVSVGLPNMTQGFWENSMLTDPGN
VQKAVCHPTAWDLGKGDFRILMCTKVTMDDFLTAHHEMGHIQYDMAYAAQPFLLRNGANEGFHEAVGEIMSLSAATPKHL
KSIGLLSPDFQEDNETEINFLLKQALTIVGTLPFTYMLEKWRWMVFKGEIPKDQWMKKWWEMKREIVGVVEPVPHDETYC
DPASLFHVSNDYSFIRYYTRTLYQFQFQEALCQAAKHEGPLHKCDISNSTEAGQKLFNMLRLGKSEPWTLALENVVGAKN
MNVRPLLNYFEPLFTWLKDQNKNSFVGWSTDWSPYA
;
A
2 'polypeptide(L)'
;TNLCPFDEVFNATRFASVYAWNRKRISNCVADYSVLYNFAPFFTFKCYGVSPTKLNDLCFTNVYADSFVIRGNEVRQIAP
GQTGNIADYNYKLPDDFTGCVIAWNSNKLDSKVSGNYNYLYRLFRKSNLKPFERDISTEIYQAGNKPCNGVAGFNCYFPL
RSYGFRPTYGVGHQPYRVVVLSFELLHAPATVCGP
;
B
#
# COMPACT_ATOMS: atom_id res chain seq x y z
N SER A 1 -1.40 2.58 -37.31
CA SER A 1 -1.31 2.81 -35.85
C SER A 1 -2.69 3.12 -35.28
N THR A 2 -3.26 2.17 -34.54
CA THR A 2 -4.53 2.43 -33.89
C THR A 2 -4.31 3.38 -32.70
N ILE A 3 -5.32 3.51 -31.86
CA ILE A 3 -5.25 4.39 -30.70
C ILE A 3 -5.03 3.62 -29.40
N GLU A 4 -5.38 2.33 -29.34
CA GLU A 4 -4.94 1.50 -28.22
C GLU A 4 -3.42 1.32 -28.25
N GLU A 5 -2.86 1.14 -29.43
CA GLU A 5 -1.41 1.11 -29.58
C GLU A 5 -0.79 2.42 -29.13
N GLN A 6 -1.41 3.55 -29.51
CA GLN A 6 -0.96 4.85 -29.02
C GLN A 6 -1.00 4.91 -27.49
N ALA A 7 -2.10 4.43 -26.90
CA ALA A 7 -2.21 4.40 -25.45
C ALA A 7 -1.18 3.44 -24.84
N LYS A 8 -0.99 2.27 -25.46
CA LYS A 8 0.02 1.33 -24.99
C LYS A 8 1.40 1.99 -24.94
N THR A 9 1.78 2.64 -26.04
CA THR A 9 3.06 3.34 -26.09
C THR A 9 3.09 4.50 -25.11
N PHE A 10 1.97 5.21 -24.96
CA PHE A 10 1.91 6.31 -24.00
C PHE A 10 2.10 5.82 -22.57
N LEU A 11 1.46 4.71 -22.21
CA LEU A 11 1.65 4.15 -20.88
C LEU A 11 3.07 3.68 -20.66
N ASP A 12 3.74 3.19 -21.71
CA ASP A 12 5.15 2.84 -21.61
C ASP A 12 5.99 4.05 -21.21
N LYS A 13 5.71 5.20 -21.83
CA LYS A 13 6.41 6.43 -21.45
C LYS A 13 6.06 6.84 -20.02
N PHE A 14 4.77 6.79 -19.68
CA PHE A 14 4.35 7.22 -18.35
C PHE A 14 4.95 6.32 -17.27
N ASN A 15 4.93 5.00 -17.48
CA ASN A 15 5.41 4.08 -16.45
C ASN A 15 6.87 4.38 -16.10
N HIS A 16 7.70 4.64 -17.11
CA HIS A 16 9.11 4.86 -16.83
C HIS A 16 9.36 6.23 -16.23
N GLU A 17 8.64 7.25 -16.71
CA GLU A 17 8.80 8.59 -16.14
C GLU A 17 8.18 8.67 -14.74
N ALA A 18 7.03 8.02 -14.54
CA ALA A 18 6.37 8.10 -13.23
C ALA A 18 7.18 7.38 -12.16
N GLU A 19 7.71 6.20 -12.46
CA GLU A 19 8.48 5.45 -11.46
C GLU A 19 9.67 6.26 -10.97
N ASP A 20 10.35 6.96 -11.88
CA ASP A 20 11.46 7.82 -11.47
C ASP A 20 10.97 8.97 -10.60
N LEU A 21 9.94 9.70 -11.08
CA LEU A 21 9.46 10.86 -10.34
C LEU A 21 8.77 10.45 -9.05
N PHE A 22 8.03 9.33 -9.05
CA PHE A 22 7.43 8.84 -7.82
C PHE A 22 8.49 8.45 -6.80
N TYR A 23 9.58 7.83 -7.27
CA TYR A 23 10.65 7.44 -6.36
C TYR A 23 11.29 8.65 -5.69
N GLN A 24 11.53 9.72 -6.46
CA GLN A 24 12.09 10.93 -5.88
C GLN A 24 11.15 11.52 -4.84
N SER A 25 9.85 11.53 -5.13
CA SER A 25 8.87 12.02 -4.16
C SER A 25 8.81 11.13 -2.93
N SER A 26 8.81 9.81 -3.13
CA SER A 26 8.73 8.88 -2.01
C SER A 26 9.98 8.98 -1.14
N LEU A 27 11.16 9.05 -1.76
CA LEU A 27 12.39 9.14 -0.98
C LEU A 27 12.48 10.49 -0.27
N ALA A 28 12.04 11.57 -0.92
CA ALA A 28 11.99 12.86 -0.25
C ALA A 28 11.00 12.84 0.90
N SER A 29 9.84 12.21 0.71
CA SER A 29 8.90 12.03 1.82
C SER A 29 9.51 11.14 2.90
N TRP A 30 10.26 10.11 2.50
CA TRP A 30 10.93 9.27 3.48
C TRP A 30 11.94 10.06 4.30
N ASN A 31 12.81 10.83 3.62
CA ASN A 31 13.85 11.56 4.32
C ASN A 31 13.26 12.59 5.28
N TYR A 32 12.10 13.16 4.95
CA TYR A 32 11.43 14.04 5.90
C TYR A 32 10.90 13.26 7.09
N ASN A 33 10.26 12.12 6.83
CA ASN A 33 9.60 11.36 7.89
C ASN A 33 10.59 10.63 8.79
N THR A 34 11.86 10.55 8.42
CA THR A 34 12.90 10.02 9.30
C THR A 34 13.87 11.07 9.79
N ASN A 35 13.99 12.19 9.08
CA ASN A 35 14.90 13.28 9.43
C ASN A 35 14.11 14.57 9.27
N ILE A 36 13.41 14.98 10.33
CA ILE A 36 12.52 16.14 10.27
C ILE A 36 13.38 17.39 10.32
N THR A 37 13.60 17.99 9.15
CA THR A 37 14.29 19.26 9.02
C THR A 37 13.47 20.18 8.14
N GLU A 38 13.75 21.47 8.22
CA GLU A 38 13.08 22.40 7.31
C GLU A 38 13.58 22.22 5.88
N GLU A 39 14.81 21.73 5.71
CA GLU A 39 15.25 21.30 4.39
C GLU A 39 14.45 20.10 3.91
N ASN A 40 14.49 19.00 4.68
CA ASN A 40 13.77 17.79 4.29
C ASN A 40 12.28 18.04 4.11
N VAL A 41 11.74 19.05 4.80
CA VAL A 41 10.41 19.55 4.44
C VAL A 41 10.41 20.01 2.99
N GLN A 42 11.29 20.95 2.66
CA GLN A 42 11.26 21.59 1.35
C GLN A 42 11.45 20.59 0.22
N ASN A 43 12.51 19.76 0.32
CA ASN A 43 12.76 18.76 -0.72
C ASN A 43 11.56 17.84 -0.92
N MET A 44 10.84 17.53 0.17
CA MET A 44 9.63 16.72 0.03
C MET A 44 8.55 17.45 -0.76
N ASN A 45 8.34 18.74 -0.46
CA ASN A 45 7.35 19.52 -1.20
C ASN A 45 7.74 19.64 -2.67
N ASN A 46 9.03 19.94 -2.94
CA ASN A 46 9.48 20.09 -4.31
C ASN A 46 9.28 18.81 -5.10
N ALA A 47 9.72 17.68 -4.53
CA ALA A 47 9.52 16.39 -5.19
C ALA A 47 8.04 16.05 -5.28
N GLY A 48 7.27 16.38 -4.23
CA GLY A 48 5.84 16.18 -4.30
C GLY A 48 5.16 17.06 -5.33
N ASP A 49 5.58 18.32 -5.42
CA ASP A 49 5.04 19.22 -6.44
C ASP A 49 5.41 18.75 -7.83
N LYS A 50 6.67 18.37 -8.04
CA LYS A 50 7.08 17.88 -9.35
C LYS A 50 6.37 16.58 -9.71
N TRP A 51 6.00 15.79 -8.71
CA TRP A 51 5.26 14.56 -8.97
C TRP A 51 3.80 14.86 -9.32
N SER A 52 3.18 15.79 -8.59
CA SER A 52 1.79 16.16 -8.87
C SER A 52 1.67 16.87 -10.22
N ALA A 53 2.61 17.77 -10.53
CA ALA A 53 2.59 18.45 -11.82
C ALA A 53 2.76 17.46 -12.96
N PHE A 54 3.62 16.46 -12.77
CA PHE A 54 3.74 15.39 -13.76
C PHE A 54 2.42 14.64 -13.91
N LEU A 55 1.78 14.29 -12.78
CA LEU A 55 0.52 13.57 -12.84
C LEU A 55 -0.58 14.40 -13.48
N LYS A 56 -0.66 15.68 -13.15
CA LYS A 56 -1.63 16.55 -13.81
C LYS A 56 -1.34 16.63 -15.30
N GLU A 57 -0.07 16.75 -15.68
CA GLU A 57 0.30 16.77 -17.08
C GLU A 57 -0.04 15.44 -17.77
N GLN A 58 0.27 14.33 -17.12
CA GLN A 58 -0.02 13.03 -17.71
C GLN A 58 -1.51 12.70 -17.71
N SER A 59 -2.25 13.21 -16.72
CA SER A 59 -3.69 13.02 -16.71
C SER A 59 -4.34 13.67 -17.93
N THR A 60 -3.97 14.92 -18.21
CA THR A 60 -4.45 15.58 -19.41
C THR A 60 -3.96 14.88 -20.67
N LEU A 61 -2.69 14.44 -20.67
CA LEU A 61 -2.17 13.71 -21.82
C LEU A 61 -2.91 12.40 -22.03
N ALA A 62 -3.23 11.69 -20.94
CA ALA A 62 -3.92 10.41 -21.08
C ALA A 62 -5.34 10.56 -21.60
N GLN A 63 -6.00 11.69 -21.30
CA GLN A 63 -7.38 11.89 -21.71
C GLN A 63 -7.54 12.02 -23.22
N MET A 64 -6.48 12.40 -23.94
CA MET A 64 -6.56 12.51 -25.39
C MET A 64 -6.75 11.17 -26.09
N TYR A 65 -6.75 10.06 -25.34
CA TYR A 65 -7.08 8.73 -25.87
C TYR A 65 -8.44 8.32 -25.33
N PRO A 66 -9.51 8.39 -26.11
CA PRO A 66 -10.83 8.02 -25.61
C PRO A 66 -10.92 6.53 -25.28
N LEU A 67 -11.69 6.24 -24.22
CA LEU A 67 -11.68 4.91 -23.63
C LEU A 67 -12.42 3.90 -24.49
N GLN A 68 -13.50 4.30 -25.15
CA GLN A 68 -14.28 3.38 -25.96
C GLN A 68 -13.47 2.71 -27.08
N GLU A 69 -12.23 3.16 -27.35
CA GLU A 69 -11.42 2.66 -28.45
C GLU A 69 -10.26 1.77 -28.00
N ILE A 70 -10.27 1.32 -26.75
CA ILE A 70 -9.28 0.38 -26.24
C ILE A 70 -9.99 -0.89 -25.81
N GLN A 71 -9.65 -1.99 -26.47
CA GLN A 71 -10.20 -3.29 -26.12
C GLN A 71 -9.44 -3.96 -24.98
N ASN A 72 -8.12 -3.75 -24.94
CA ASN A 72 -7.27 -4.29 -23.88
C ASN A 72 -7.69 -3.71 -22.53
N LEU A 73 -8.26 -4.55 -21.66
CA LEU A 73 -8.75 -4.04 -20.38
C LEU A 73 -7.61 -3.63 -19.46
N THR A 74 -6.46 -4.30 -19.55
CA THR A 74 -5.31 -3.90 -18.76
C THR A 74 -4.86 -2.49 -19.10
N VAL A 75 -4.80 -2.18 -20.40
CA VAL A 75 -4.45 -0.83 -20.84
C VAL A 75 -5.54 0.16 -20.41
N LYS A 76 -6.81 -0.24 -20.55
CA LYS A 76 -7.90 0.64 -20.17
C LYS A 76 -7.88 0.93 -18.68
N LEU A 77 -7.55 -0.07 -17.85
CA LEU A 77 -7.46 0.15 -16.41
C LEU A 77 -6.44 1.23 -16.07
N GLN A 78 -5.24 1.11 -16.63
CA GLN A 78 -4.21 2.12 -16.39
C GLN A 78 -4.60 3.46 -16.99
N LEU A 79 -5.16 3.45 -18.21
CA LEU A 79 -5.61 4.69 -18.84
C LEU A 79 -6.73 5.34 -18.03
N GLN A 80 -7.70 4.56 -17.59
CA GLN A 80 -8.79 5.09 -16.78
C GLN A 80 -8.28 5.65 -15.46
N ALA A 81 -7.35 4.95 -14.81
CA ALA A 81 -6.80 5.44 -13.55
C ALA A 81 -6.07 6.76 -13.74
N LEU A 82 -5.35 6.90 -14.86
CA LEU A 82 -4.65 8.14 -15.14
C LEU A 82 -5.62 9.26 -15.53
N GLN A 83 -6.69 8.92 -16.28
CA GLN A 83 -7.68 9.93 -16.66
C GLN A 83 -8.58 10.30 -15.48
N GLN A 84 -9.00 9.31 -14.69
CA GLN A 84 -9.76 9.62 -13.49
C GLN A 84 -8.95 10.48 -12.53
N ASN A 85 -7.63 10.45 -12.64
CA ASN A 85 -6.79 11.38 -11.89
C ASN A 85 -6.89 12.79 -12.42
N GLY A 86 -7.45 12.97 -13.62
CA GLY A 86 -7.57 14.28 -14.23
C GLY A 86 -8.23 15.32 -13.35
N SER A 87 -7.44 16.30 -12.91
CA SER A 87 -7.97 17.37 -12.08
C SER A 87 -8.79 18.37 -12.88
N SER A 88 -8.50 18.50 -14.18
CA SER A 88 -9.17 19.50 -15.03
C SER A 88 -10.56 19.03 -15.44
N VAL A 89 -11.36 18.71 -14.43
CA VAL A 89 -12.79 18.50 -14.62
C VAL A 89 -13.61 19.66 -14.05
N LEU A 90 -13.13 20.31 -13.00
CA LEU A 90 -13.70 21.54 -12.47
C LEU A 90 -12.94 22.74 -13.03
N SER A 91 -13.61 23.88 -13.04
CA SER A 91 -12.94 25.12 -13.39
C SER A 91 -11.80 25.38 -12.42
N GLU A 92 -10.74 26.01 -12.93
CA GLU A 92 -9.57 26.28 -12.10
C GLU A 92 -9.94 27.06 -10.84
N ASP A 93 -10.99 27.89 -10.91
CA ASP A 93 -11.47 28.57 -9.72
C ASP A 93 -12.06 27.58 -8.72
N LYS A 94 -12.97 26.72 -9.18
CA LYS A 94 -13.61 25.77 -8.28
C LYS A 94 -12.65 24.70 -7.82
N SER A 95 -11.68 24.31 -8.66
CA SER A 95 -10.59 23.45 -8.20
C SER A 95 -9.78 24.15 -7.12
N LYS A 96 -9.49 25.44 -7.33
CA LYS A 96 -8.77 26.21 -6.31
C LYS A 96 -9.62 26.39 -5.06
N ARG A 97 -10.92 26.62 -5.24
CA ARG A 97 -11.82 26.71 -4.09
C ARG A 97 -11.83 25.41 -3.29
N LEU A 98 -11.86 24.27 -3.98
CA LEU A 98 -11.92 22.99 -3.28
C LEU A 98 -10.62 22.69 -2.54
N ASN A 99 -9.48 22.94 -3.19
CA ASN A 99 -8.19 22.69 -2.54
C ASN A 99 -8.01 23.56 -1.30
N THR A 100 -8.46 24.82 -1.38
CA THR A 100 -8.41 25.69 -0.20
C THR A 100 -9.27 25.14 0.92
N ILE A 101 -10.46 24.63 0.58
CA ILE A 101 -11.35 24.04 1.59
C ILE A 101 -10.71 22.80 2.21
N LEU A 102 -10.14 21.94 1.36
CA LEU A 102 -9.52 20.72 1.86
C LEU A 102 -8.35 21.03 2.79
N ASN A 103 -7.52 22.01 2.42
CA ASN A 103 -6.40 22.39 3.27
C ASN A 103 -6.89 23.01 4.58
N THR A 104 -7.91 23.86 4.50
CA THR A 104 -8.43 24.49 5.72
C THR A 104 -9.08 23.47 6.64
N MET A 105 -9.88 22.55 6.10
CA MET A 105 -10.47 21.50 6.93
C MET A 105 -9.39 20.61 7.52
N SER A 106 -8.35 20.30 6.74
CA SER A 106 -7.23 19.53 7.25
C SER A 106 -6.51 20.30 8.35
N THR A 107 -6.35 21.62 8.17
CA THR A 107 -5.65 22.41 9.17
C THR A 107 -6.50 22.59 10.42
N ILE A 108 -7.80 22.80 10.27
CA ILE A 108 -8.67 22.93 11.43
C ILE A 108 -8.65 21.64 12.26
N TYR A 109 -8.59 20.49 11.58
CA TYR A 109 -8.57 19.22 12.30
C TYR A 109 -7.24 19.04 13.04
N SER A 110 -6.12 19.26 12.36
CA SER A 110 -4.82 18.98 12.95
C SER A 110 -4.35 20.06 13.92
N THR A 111 -4.89 21.27 13.83
CA THR A 111 -4.50 22.36 14.74
C THR A 111 -5.64 22.78 15.67
N GLY A 112 -6.83 22.20 15.53
CA GLY A 112 -7.93 22.54 16.40
C GLY A 112 -7.65 22.23 17.85
N LYS A 113 -7.79 23.24 18.70
CA LYS A 113 -7.45 23.12 20.11
C LYS A 113 -8.63 23.57 20.96
N VAL A 114 -8.84 22.88 22.08
CA VAL A 114 -9.83 23.27 23.06
C VAL A 114 -9.12 23.50 24.39
N CYS A 115 -9.62 24.44 25.17
CA CYS A 115 -8.99 24.86 26.40
C CYS A 115 -9.90 24.58 27.59
N ASN A 116 -9.29 24.35 28.75
CA ASN A 116 -10.05 23.96 29.94
C ASN A 116 -11.02 25.07 30.32
N PRO A 117 -12.29 24.74 30.61
CA PRO A 117 -13.25 25.80 30.95
C PRO A 117 -12.91 26.56 32.20
N ASP A 118 -12.43 25.88 33.24
CA ASP A 118 -12.10 26.56 34.49
C ASP A 118 -10.93 27.53 34.29
N ASN A 119 -9.86 27.05 33.69
CA ASN A 119 -8.68 27.87 33.37
C ASN A 119 -8.48 27.86 31.87
N PRO A 120 -8.89 28.92 31.16
CA PRO A 120 -8.77 28.96 29.70
C PRO A 120 -7.35 29.12 29.17
N GLN A 121 -6.32 29.05 30.01
CA GLN A 121 -4.95 29.14 29.53
C GLN A 121 -4.45 27.81 28.96
N GLU A 122 -4.74 26.71 29.66
CA GLU A 122 -4.31 25.39 29.22
C GLU A 122 -5.23 24.91 28.10
N CYS A 123 -4.63 24.59 26.94
CA CYS A 123 -5.37 24.14 25.78
C CYS A 123 -4.84 22.79 25.30
N LEU A 124 -5.73 21.97 24.76
CA LEU A 124 -5.41 20.62 24.33
C LEU A 124 -5.70 20.45 22.85
N LEU A 125 -4.78 19.81 22.14
CA LEU A 125 -5.03 19.35 20.79
C LEU A 125 -5.72 17.98 20.83
N LEU A 126 -6.27 17.58 19.69
CA LEU A 126 -6.91 16.26 19.60
C LEU A 126 -5.91 15.15 19.88
N GLU A 127 -4.78 15.17 19.16
CA GLU A 127 -3.70 14.23 19.40
C GLU A 127 -2.50 15.00 19.95
N PRO A 128 -2.01 14.67 21.15
CA PRO A 128 -2.44 13.58 22.03
C PRO A 128 -3.49 13.98 23.05
N GLY A 129 -3.71 15.27 23.28
CA GLY A 129 -4.53 15.76 24.38
C GLY A 129 -5.92 15.17 24.49
N LEU A 130 -6.78 15.45 23.52
CA LEU A 130 -8.16 14.97 23.59
C LEU A 130 -8.23 13.45 23.41
N ASN A 131 -7.36 12.89 22.57
CA ASN A 131 -7.34 11.44 22.41
C ASN A 131 -6.96 10.74 23.70
N GLU A 132 -6.05 11.35 24.48
CA GLU A 132 -5.67 10.78 25.76
C GLU A 132 -6.86 10.72 26.71
N ILE A 133 -7.68 11.77 26.73
CA ILE A 133 -8.91 11.75 27.52
C ILE A 133 -9.85 10.67 27.02
N MET A 134 -10.05 10.60 25.70
CA MET A 134 -11.06 9.70 25.17
C MET A 134 -10.68 8.24 25.34
N ALA A 135 -9.39 7.93 25.42
CA ALA A 135 -8.94 6.55 25.50
C ALA A 135 -8.69 6.07 26.93
N ASN A 136 -8.52 6.98 27.89
CA ASN A 136 -8.07 6.58 29.21
C ASN A 136 -8.97 7.09 30.33
N SER A 137 -9.61 8.25 30.12
CA SER A 137 -10.44 8.82 31.17
C SER A 137 -11.66 7.94 31.44
N LEU A 138 -11.95 7.71 32.71
CA LEU A 138 -13.18 7.06 33.13
C LEU A 138 -14.20 8.05 33.66
N ASP A 139 -13.85 9.34 33.71
CA ASP A 139 -14.73 10.36 34.25
C ASP A 139 -15.71 10.84 33.17
N TYR A 140 -17.00 10.76 33.49
CA TYR A 140 -18.04 11.07 32.50
C TYR A 140 -17.93 12.51 32.02
N ASN A 141 -17.85 13.47 32.95
CA ASN A 141 -17.89 14.88 32.57
C ASN A 141 -16.66 15.28 31.76
N GLU A 142 -15.48 14.83 32.16
CA GLU A 142 -14.27 15.12 31.40
C GLU A 142 -14.37 14.55 30.00
N ARG A 143 -14.86 13.32 29.89
CA ARG A 143 -15.11 12.72 28.58
C ARG A 143 -16.19 13.49 27.82
N LEU A 144 -17.25 13.90 28.53
CA LEU A 144 -18.28 14.73 27.91
C LEU A 144 -17.70 16.06 27.46
N TRP A 145 -16.82 16.66 28.25
CA TRP A 145 -16.20 17.92 27.86
C TRP A 145 -15.36 17.76 26.60
N ALA A 146 -14.44 16.80 26.60
CA ALA A 146 -13.54 16.65 25.45
C ALA A 146 -14.30 16.26 24.19
N TRP A 147 -15.30 15.38 24.32
CA TRP A 147 -16.12 15.00 23.17
C TRP A 147 -16.89 16.20 22.63
N GLU A 148 -17.54 16.95 23.52
CA GLU A 148 -18.35 18.08 23.08
C GLU A 148 -17.49 19.25 22.63
N SER A 149 -16.44 19.57 23.38
CA SER A 149 -15.60 20.71 23.04
C SER A 149 -14.94 20.51 21.68
N TRP A 150 -14.51 19.29 21.39
CA TRP A 150 -13.95 18.99 20.07
C TRP A 150 -14.98 19.21 18.97
N ARG A 151 -16.21 18.74 19.17
CA ARG A 151 -17.26 18.94 18.18
C ARG A 151 -17.83 20.36 18.20
N SER A 152 -17.83 21.03 19.35
CA SER A 152 -18.41 22.37 19.39
C SER A 152 -17.44 23.43 18.89
N GLU A 153 -16.14 23.28 19.16
CA GLU A 153 -15.18 24.29 18.74
C GLU A 153 -14.61 23.98 17.36
N VAL A 154 -14.14 22.75 17.16
CA VAL A 154 -13.52 22.37 15.89
C VAL A 154 -14.57 21.92 14.87
N GLY A 155 -15.57 21.16 15.31
CA GLY A 155 -16.60 20.70 14.39
C GLY A 155 -17.42 21.83 13.80
N LYS A 156 -17.79 22.82 14.63
CA LYS A 156 -18.57 23.94 14.13
C LYS A 156 -17.79 24.76 13.11
N GLN A 157 -16.46 24.84 13.25
CA GLN A 157 -15.65 25.51 12.24
C GLN A 157 -15.77 24.80 10.89
N LEU A 158 -15.82 23.47 10.90
CA LEU A 158 -15.84 22.69 9.68
C LEU A 158 -17.20 22.65 9.00
N ARG A 159 -18.26 23.08 9.67
CA ARG A 159 -19.60 22.98 9.09
C ARG A 159 -19.76 23.80 7.82
N PRO A 160 -19.45 25.11 7.78
CA PRO A 160 -19.56 25.83 6.50
C PRO A 160 -18.61 25.31 5.44
N LEU A 161 -17.41 24.87 5.83
CA LEU A 161 -16.47 24.34 4.86
C LEU A 161 -16.94 23.02 4.28
N TYR A 162 -17.46 22.13 5.12
CA TYR A 162 -17.94 20.84 4.63
C TYR A 162 -19.16 21.01 3.74
N GLU A 163 -20.02 21.99 4.03
CA GLU A 163 -21.14 22.29 3.15
C GLU A 163 -20.65 22.65 1.75
N GLU A 164 -19.70 23.57 1.66
CA GLU A 164 -19.12 23.93 0.36
C GLU A 164 -18.25 22.80 -0.18
N TYR A 165 -17.65 22.00 0.70
CA TYR A 165 -16.89 20.84 0.26
C TYR A 165 -17.77 19.84 -0.47
N VAL A 166 -18.97 19.58 0.07
CA VAL A 166 -19.88 18.65 -0.57
C VAL A 166 -20.31 19.16 -1.94
N VAL A 167 -20.62 20.46 -2.04
CA VAL A 167 -21.09 21.03 -3.30
C VAL A 167 -20.03 20.85 -4.38
N LEU A 168 -18.79 21.24 -4.09
CA LEU A 168 -17.73 21.16 -5.09
C LEU A 168 -17.34 19.72 -5.39
N LYS A 169 -17.27 18.88 -4.35
CA LYS A 169 -16.95 17.47 -4.57
C LYS A 169 -18.01 16.79 -5.41
N ASN A 170 -19.28 17.12 -5.18
CA ASN A 170 -20.34 16.62 -6.05
C ASN A 170 -20.19 17.16 -7.47
N GLU A 171 -19.97 18.47 -7.59
CA GLU A 171 -19.76 19.07 -8.91
C GLU A 171 -18.60 18.39 -9.64
N MET A 172 -17.52 18.09 -8.92
CA MET A 172 -16.42 17.33 -9.50
C MET A 172 -16.90 15.96 -9.97
N ALA A 173 -17.62 15.25 -9.09
CA ALA A 173 -18.09 13.91 -9.44
C ALA A 173 -19.10 13.95 -10.58
N ARG A 174 -20.00 14.94 -10.56
CA ARG A 174 -20.99 15.08 -11.63
CA ARG A 174 -20.99 15.06 -11.64
C ARG A 174 -20.31 15.35 -12.97
N ALA A 175 -19.17 16.03 -12.97
CA ALA A 175 -18.45 16.30 -14.20
C ALA A 175 -17.61 15.11 -14.64
N ASN A 176 -17.27 14.20 -13.73
CA ASN A 176 -16.67 12.91 -14.08
C ASN A 176 -17.72 11.85 -14.36
N HIS A 177 -18.97 12.27 -14.58
CA HIS A 177 -20.08 11.39 -14.97
C HIS A 177 -20.43 10.40 -13.87
N TYR A 178 -20.14 10.75 -12.62
CA TYR A 178 -20.65 10.02 -11.48
C TYR A 178 -21.90 10.73 -10.96
N GLU A 179 -22.77 9.95 -10.30
CA GLU A 179 -23.98 10.53 -9.74
C GLU A 179 -23.65 11.61 -8.71
N ASP A 180 -22.72 11.30 -7.80
CA ASP A 180 -22.30 12.23 -6.76
C ASP A 180 -20.96 11.76 -6.23
N TYR A 181 -20.42 12.51 -5.27
CA TYR A 181 -19.09 12.19 -4.75
C TYR A 181 -19.06 10.84 -4.04
N GLY A 182 -20.16 10.47 -3.39
CA GLY A 182 -20.25 9.14 -2.81
C GLY A 182 -20.19 8.06 -3.88
N ASP A 183 -20.86 8.29 -5.02
CA ASP A 183 -20.73 7.39 -6.15
C ASP A 183 -19.31 7.37 -6.67
N TYR A 184 -18.63 8.51 -6.66
CA TYR A 184 -17.24 8.58 -7.08
C TYR A 184 -16.37 7.70 -6.19
N TRP A 185 -16.57 7.76 -4.87
CA TRP A 185 -15.79 6.93 -3.96
C TRP A 185 -16.08 5.44 -4.17
N ARG A 186 -17.34 5.09 -4.43
CA ARG A 186 -17.68 3.70 -4.69
C ARG A 186 -17.11 3.18 -6.01
N GLY A 187 -16.58 4.06 -6.86
CA GLY A 187 -15.94 3.62 -8.08
C GLY A 187 -14.68 2.82 -7.85
N ASP A 188 -14.13 2.84 -6.63
CA ASP A 188 -12.97 2.04 -6.32
C ASP A 188 -13.29 0.55 -6.44
N TYR A 189 -14.53 0.16 -6.22
CA TYR A 189 -14.97 -1.22 -6.32
C TYR A 189 -15.56 -1.57 -7.68
N GLU A 190 -15.66 -0.60 -8.58
CA GLU A 190 -16.33 -0.85 -9.85
C GLU A 190 -15.47 -1.72 -10.76
N VAL A 191 -16.12 -2.67 -11.43
CA VAL A 191 -15.48 -3.52 -12.43
C VAL A 191 -16.41 -3.60 -13.63
N ASN A 192 -15.85 -3.40 -14.83
CA ASN A 192 -16.63 -3.41 -16.06
C ASN A 192 -15.91 -4.26 -17.10
N GLY A 193 -16.69 -4.85 -18.01
CA GLY A 193 -16.14 -5.57 -19.14
C GLY A 193 -15.42 -6.85 -18.80
N VAL A 194 -15.61 -7.38 -17.60
CA VAL A 194 -15.00 -8.65 -17.19
C VAL A 194 -16.16 -9.55 -16.75
N ASP A 195 -16.64 -10.38 -17.68
CA ASP A 195 -17.85 -11.15 -17.43
C ASP A 195 -17.64 -12.13 -16.29
N GLY A 196 -18.60 -12.17 -15.36
CA GLY A 196 -18.51 -12.97 -14.17
C GLY A 196 -17.85 -12.28 -13.00
N TYR A 197 -17.11 -11.20 -13.25
CA TYR A 197 -16.40 -10.47 -12.22
C TYR A 197 -16.77 -8.99 -12.19
N ASP A 198 -17.76 -8.58 -12.97
CA ASP A 198 -18.20 -7.20 -12.97
C ASP A 198 -18.81 -6.84 -11.62
N TYR A 199 -18.68 -5.56 -11.25
CA TYR A 199 -19.18 -5.06 -9.97
C TYR A 199 -19.51 -3.59 -10.15
N SER A 200 -20.76 -3.23 -9.86
CA SER A 200 -21.18 -1.84 -10.04
C SER A 200 -21.01 -1.06 -8.74
N ARG A 201 -20.94 0.27 -8.88
CA ARG A 201 -20.81 1.13 -7.71
C ARG A 201 -22.02 1.03 -6.81
N GLY A 202 -23.22 0.99 -7.40
CA GLY A 202 -24.43 0.82 -6.61
C GLY A 202 -24.47 -0.50 -5.87
N GLN A 203 -23.88 -1.55 -6.45
CA GLN A 203 -23.87 -2.85 -5.79
C GLN A 203 -23.09 -2.83 -4.49
N LEU A 204 -22.15 -1.89 -4.33
CA LEU A 204 -21.40 -1.80 -3.09
C LEU A 204 -22.31 -1.48 -1.91
N ILE A 205 -23.24 -0.53 -2.10
CA ILE A 205 -24.17 -0.18 -1.03
C ILE A 205 -25.01 -1.39 -0.63
N GLU A 206 -25.51 -2.12 -1.64
CA GLU A 206 -26.31 -3.31 -1.35
C GLU A 206 -25.48 -4.35 -0.60
N ASP A 207 -24.27 -4.63 -1.09
CA ASP A 207 -23.42 -5.62 -0.43
C ASP A 207 -23.03 -5.18 0.97
N VAL A 208 -22.75 -3.89 1.17
CA VAL A 208 -22.45 -3.39 2.50
C VAL A 208 -23.68 -3.51 3.40
N GLU A 209 -24.86 -3.14 2.88
CA GLU A 209 -26.07 -3.23 3.68
C GLU A 209 -26.49 -4.67 3.91
N HIS A 210 -26.38 -5.53 2.89
CA HIS A 210 -26.72 -6.93 3.05
CA HIS A 210 -26.72 -6.93 3.05
C HIS A 210 -25.83 -7.60 4.07
N THR A 211 -24.52 -7.32 4.02
CA THR A 211 -23.60 -7.93 4.98
C THR A 211 -23.72 -7.30 6.36
N PHE A 212 -24.09 -6.01 6.43
CA PHE A 212 -24.27 -5.38 7.73
C PHE A 212 -25.49 -5.94 8.46
N GLU A 213 -26.50 -6.40 7.71
CA GLU A 213 -27.65 -7.04 8.34
C GLU A 213 -27.23 -8.28 9.11
N GLU A 214 -26.33 -9.09 8.53
CA GLU A 214 -25.83 -10.25 9.24
C GLU A 214 -24.85 -9.87 10.35
N ILE A 215 -24.29 -8.66 10.30
CA ILE A 215 -23.46 -8.18 11.41
C ILE A 215 -24.32 -7.75 12.58
N LYS A 216 -25.53 -7.25 12.32
CA LYS A 216 -26.37 -6.70 13.38
C LYS A 216 -26.55 -7.62 14.58
N PRO A 217 -26.93 -8.90 14.42
CA PRO A 217 -27.10 -9.73 15.63
C PRO A 217 -25.84 -9.82 16.49
N LEU A 218 -24.67 -9.92 15.86
CA LEU A 218 -23.43 -9.91 16.63
C LEU A 218 -23.20 -8.55 17.28
N TYR A 219 -23.49 -7.47 16.56
CA TYR A 219 -23.24 -6.14 17.10
C TYR A 219 -24.19 -5.82 18.24
N GLU A 220 -25.47 -6.16 18.11
CA GLU A 220 -26.44 -5.85 19.14
C GLU A 220 -26.08 -6.54 20.45
N HIS A 221 -25.67 -7.82 20.38
CA HIS A 221 -25.24 -8.51 21.59
C HIS A 221 -23.93 -7.95 22.11
N LEU A 222 -23.01 -7.57 21.22
CA LEU A 222 -21.82 -6.85 21.67
C LEU A 222 -22.21 -5.49 22.25
N HIS A 223 -23.13 -4.78 21.59
CA HIS A 223 -23.60 -3.50 22.12
C HIS A 223 -24.31 -3.69 23.45
N ALA A 224 -25.16 -4.72 23.55
CA ALA A 224 -25.87 -4.98 24.80
C ALA A 224 -24.91 -5.34 25.92
N TYR A 225 -23.94 -6.20 25.64
CA TYR A 225 -22.98 -6.58 26.67
C TYR A 225 -22.12 -5.40 27.10
N VAL A 226 -21.65 -4.60 26.13
CA VAL A 226 -20.87 -3.41 26.47
C VAL A 226 -21.71 -2.44 27.29
N ARG A 227 -22.97 -2.25 26.89
CA ARG A 227 -23.86 -1.35 27.64
C ARG A 227 -24.06 -1.86 29.07
N ALA A 228 -24.25 -3.17 29.23
CA ALA A 228 -24.44 -3.72 30.57
C ALA A 228 -23.19 -3.52 31.43
N LYS A 229 -22.00 -3.73 30.85
CA LYS A 229 -20.77 -3.52 31.60
C LYS A 229 -20.57 -2.03 31.89
N LEU A 230 -20.82 -1.16 30.92
CA LEU A 230 -20.70 0.27 31.15
C LEU A 230 -21.76 0.76 32.13
N MET A 231 -22.95 0.18 32.09
CA MET A 231 -24.01 0.59 33.02
C MET A 231 -23.62 0.28 34.46
N ASN A 232 -22.92 -0.84 34.68
CA ASN A 232 -22.42 -1.14 36.02
C ASN A 232 -21.42 -0.09 36.48
N ALA A 233 -20.56 0.38 35.56
CA ALA A 233 -19.60 1.42 35.89
C ALA A 233 -20.22 2.82 35.86
N TYR A 234 -21.38 2.99 35.23
CA TYR A 234 -22.07 4.29 35.17
C TYR A 234 -23.56 4.08 35.35
N PRO A 235 -24.00 3.74 36.58
CA PRO A 235 -25.43 3.47 36.79
C PRO A 235 -26.33 4.66 36.49
N SER A 236 -25.89 5.87 36.80
CA SER A 236 -26.70 7.07 36.61
C SER A 236 -26.58 7.68 35.22
N TYR A 237 -25.73 7.11 34.36
CA TYR A 237 -25.43 7.71 33.07
C TYR A 237 -25.93 6.91 31.87
N ILE A 238 -26.19 5.62 32.03
CA ILE A 238 -26.52 4.74 30.91
C ILE A 238 -27.84 4.07 31.18
N SER A 239 -28.78 4.21 30.25
CA SER A 239 -30.03 3.48 30.32
C SER A 239 -29.80 2.02 29.96
N PRO A 240 -30.48 1.08 30.63
CA PRO A 240 -30.36 -0.33 30.23
C PRO A 240 -30.88 -0.62 28.84
N ILE A 241 -31.73 0.25 28.29
CA ILE A 241 -32.29 0.06 26.96
C ILE A 241 -31.85 1.12 25.97
N GLY A 242 -31.13 2.16 26.42
CA GLY A 242 -30.77 3.26 25.56
C GLY A 242 -29.50 3.01 24.77
N CYS A 243 -29.17 3.97 23.92
CA CYS A 243 -27.94 3.92 23.15
C CYS A 243 -26.75 4.27 24.03
N LEU A 244 -25.58 3.82 23.61
CA LEU A 244 -24.35 4.14 24.33
C LEU A 244 -24.02 5.62 24.14
N PRO A 245 -23.75 6.36 25.22
CA PRO A 245 -23.31 7.75 25.06
C PRO A 245 -22.05 7.83 24.21
N ALA A 246 -22.03 8.82 23.31
CA ALA A 246 -20.99 8.85 22.29
C ALA A 246 -19.60 9.09 22.87
N HIS A 247 -19.53 9.71 24.04
CA HIS A 247 -18.25 10.05 24.65
C HIS A 247 -17.72 8.95 25.56
N LEU A 248 -18.44 7.84 25.71
CA LEU A 248 -18.04 6.74 26.58
C LEU A 248 -17.69 5.49 25.78
N LEU A 249 -17.11 5.65 24.59
CA LEU A 249 -16.89 4.54 23.69
C LEU A 249 -15.44 4.20 23.43
N GLY A 250 -14.49 4.85 24.10
CA GLY A 250 -13.08 4.50 23.99
C GLY A 250 -12.24 5.43 23.15
N ASP A 251 -12.85 6.25 22.28
CA ASP A 251 -12.10 7.26 21.55
C ASP A 251 -13.02 8.45 21.29
N MET A 252 -12.52 9.40 20.50
CA MET A 252 -13.24 10.66 20.29
C MET A 252 -14.57 10.47 19.58
N TRP A 253 -14.75 9.38 18.85
CA TRP A 253 -15.96 9.15 18.08
C TRP A 253 -16.62 7.82 18.32
N GLY A 254 -16.02 6.93 19.11
CA GLY A 254 -16.52 5.58 19.16
C GLY A 254 -16.20 4.78 17.92
N ARG A 255 -15.22 5.23 17.13
CA ARG A 255 -14.81 4.47 15.96
C ARG A 255 -14.35 3.07 16.35
N PHE A 256 -13.64 2.96 17.46
CA PHE A 256 -13.26 1.67 18.02
C PHE A 256 -13.63 1.63 19.48
N TRP A 257 -14.12 0.47 19.93
CA TRP A 257 -14.42 0.25 21.34
C TRP A 257 -13.27 -0.44 22.07
N THR A 258 -12.05 -0.32 21.54
CA THR A 258 -10.90 -1.03 22.09
C THR A 258 -10.66 -0.65 23.55
N ASN A 259 -10.72 0.64 23.85
CA ASN A 259 -10.43 1.13 25.18
C ASN A 259 -11.55 0.89 26.18
N LEU A 260 -12.61 0.20 25.77
CA LEU A 260 -13.64 -0.26 26.68
C LEU A 260 -13.33 -1.64 27.26
N TYR A 261 -12.21 -2.23 26.88
CA TYR A 261 -11.88 -3.58 27.33
C TYR A 261 -11.72 -3.65 28.84
N SER A 262 -11.13 -2.61 29.44
CA SER A 262 -10.94 -2.61 30.89
C SER A 262 -12.28 -2.68 31.61
N LEU A 263 -13.28 -1.96 31.12
CA LEU A 263 -14.60 -1.97 31.74
C LEU A 263 -15.49 -3.10 31.25
N THR A 264 -15.13 -3.76 30.15
CA THR A 264 -15.98 -4.79 29.55
C THR A 264 -15.29 -6.15 29.44
N VAL A 265 -14.11 -6.32 30.02
CA VAL A 265 -13.43 -7.61 29.88
C VAL A 265 -14.28 -8.70 30.53
N PRO A 266 -14.59 -9.78 29.82
CA PRO A 266 -15.40 -10.86 30.41
C PRO A 266 -14.83 -11.41 31.71
N PHE A 267 -13.55 -11.78 31.72
CA PHE A 267 -12.92 -12.41 32.87
C PHE A 267 -11.65 -11.64 33.18
N GLY A 268 -11.79 -10.60 34.02
CA GLY A 268 -10.66 -9.78 34.39
C GLY A 268 -9.64 -10.49 35.27
N GLN A 269 -10.03 -11.61 35.88
CA GLN A 269 -9.07 -12.39 36.67
C GLN A 269 -8.04 -13.06 35.77
N LYS A 270 -8.49 -13.68 34.67
CA LYS A 270 -7.58 -14.37 33.77
C LYS A 270 -6.73 -13.34 33.01
N PRO A 271 -5.41 -13.49 33.00
CA PRO A 271 -4.55 -12.48 32.38
C PRO A 271 -4.52 -12.61 30.85
N ASN A 272 -4.41 -11.45 30.20
CA ASN A 272 -4.25 -11.42 28.76
C ASN A 272 -2.84 -11.86 28.37
N ILE A 273 -2.71 -12.36 27.14
CA ILE A 273 -1.40 -12.75 26.64
C ILE A 273 -0.64 -11.50 26.22
N ASP A 274 0.48 -11.24 26.90
CA ASP A 274 1.35 -10.12 26.56
C ASP A 274 2.79 -10.63 26.62
N VAL A 275 3.40 -10.83 25.46
CA VAL A 275 4.73 -11.42 25.37
C VAL A 275 5.79 -10.33 25.42
N THR A 276 5.36 -9.11 25.79
CA THR A 276 6.30 -7.99 25.85
C THR A 276 7.44 -8.28 26.83
N ASP A 277 7.12 -8.81 28.01
CA ASP A 277 8.15 -9.15 28.98
C ASP A 277 9.08 -10.23 28.44
N ALA A 278 8.51 -11.23 27.76
CA ALA A 278 9.34 -12.32 27.22
C ALA A 278 10.32 -11.79 26.18
N MET A 279 9.88 -10.82 25.36
CA MET A 279 10.78 -10.21 24.40
C MET A 279 11.94 -9.50 25.09
N VAL A 280 11.65 -8.76 26.17
CA VAL A 280 12.71 -8.12 26.94
C VAL A 280 13.55 -9.15 27.66
N ASP A 281 12.92 -10.23 28.15
CA ASP A 281 13.67 -11.30 28.81
C ASP A 281 14.71 -11.90 27.86
N GLN A 282 14.37 -12.06 26.59
CA GLN A 282 15.26 -12.65 25.60
C GLN A 282 16.07 -11.60 24.84
N ALA A 283 16.12 -10.36 25.36
CA ALA A 283 16.94 -9.29 24.78
C ALA A 283 16.58 -9.02 23.33
N TRP A 284 15.28 -9.09 23.01
CA TRP A 284 14.82 -8.76 21.67
C TRP A 284 15.01 -7.28 21.38
N ASP A 285 15.26 -6.96 20.12
CA ASP A 285 15.33 -5.58 19.64
C ASP A 285 14.46 -5.47 18.40
N ALA A 286 14.44 -4.27 17.80
CA ALA A 286 13.67 -4.07 16.59
C ALA A 286 14.15 -4.94 15.45
N GLN A 287 15.47 -5.20 15.39
CA GLN A 287 16.01 -6.10 14.37
C GLN A 287 15.43 -7.50 14.52
N ARG A 288 15.35 -7.99 15.76
CA ARG A 288 14.78 -9.32 16.01
C ARG A 288 13.31 -9.36 15.63
N ILE A 289 12.57 -8.29 15.91
CA ILE A 289 11.13 -8.27 15.65
C ILE A 289 10.85 -8.43 14.17
N PHE A 290 11.55 -7.67 13.33
CA PHE A 290 11.34 -7.75 11.89
C PHE A 290 11.97 -9.00 11.29
N LYS A 291 13.07 -9.48 11.86
CA LYS A 291 13.60 -10.78 11.45
C LYS A 291 12.59 -11.89 11.73
N GLU A 292 11.95 -11.84 12.91
CA GLU A 292 10.90 -12.80 13.20
C GLU A 292 9.70 -12.61 12.26
N ALA A 293 9.35 -11.36 11.97
CA ALA A 293 8.29 -11.10 11.01
C ALA A 293 8.69 -11.60 9.62
N GLU A 294 9.93 -11.35 9.22
CA GLU A 294 10.42 -11.87 7.94
C GLU A 294 10.39 -13.39 7.94
N LYS A 295 10.75 -14.02 9.06
CA LYS A 295 10.69 -15.47 9.18
C LYS A 295 9.27 -15.98 9.01
N PHE A 296 8.27 -15.22 9.47
CA PHE A 296 6.88 -15.63 9.34
C PHE A 296 6.47 -15.73 7.88
N PHE A 297 6.81 -14.73 7.07
CA PHE A 297 6.41 -14.74 5.67
C PHE A 297 7.23 -15.73 4.86
N VAL A 298 8.48 -15.98 5.26
CA VAL A 298 9.26 -17.03 4.62
C VAL A 298 8.60 -18.39 4.85
N SER A 299 8.02 -18.58 6.03
CA SER A 299 7.41 -19.87 6.36
C SER A 299 6.24 -20.19 5.45
N VAL A 300 5.58 -19.18 4.90
CA VAL A 300 4.47 -19.39 3.97
C VAL A 300 4.91 -19.31 2.52
N GLY A 301 6.22 -19.31 2.26
CA GLY A 301 6.72 -19.29 0.90
C GLY A 301 6.92 -17.92 0.31
N LEU A 302 6.61 -16.85 1.04
CA LEU A 302 6.86 -15.52 0.53
C LEU A 302 8.35 -15.19 0.64
N PRO A 303 8.86 -14.33 -0.23
CA PRO A 303 10.29 -14.01 -0.22
C PRO A 303 10.70 -13.26 1.03
N ASN A 304 11.99 -13.35 1.35
CA ASN A 304 12.53 -12.56 2.43
C ASN A 304 12.55 -11.08 2.05
N MET A 305 12.73 -10.23 3.06
CA MET A 305 12.86 -8.81 2.79
C MET A 305 14.11 -8.54 1.95
N THR A 306 14.00 -7.58 1.04
CA THR A 306 15.11 -7.26 0.17
C THR A 306 16.30 -6.77 0.98
N GLN A 307 17.48 -6.85 0.37
CA GLN A 307 18.68 -6.34 1.03
C GLN A 307 18.55 -4.85 1.31
N GLY A 308 17.90 -4.12 0.40
CA GLY A 308 17.67 -2.71 0.63
C GLY A 308 16.71 -2.42 1.76
N PHE A 309 15.82 -3.37 2.06
CA PHE A 309 14.90 -3.19 3.18
C PHE A 309 15.67 -2.97 4.48
N TRP A 310 16.52 -3.93 4.85
CA TRP A 310 17.25 -3.82 6.11
C TRP A 310 18.17 -2.60 6.12
N GLU A 311 18.82 -2.33 4.99
CA GLU A 311 19.71 -1.17 4.90
C GLU A 311 18.94 0.14 5.02
N ASN A 312 17.87 0.28 4.25
CA ASN A 312 17.21 1.57 4.06
C ASN A 312 16.01 1.79 4.97
N SER A 313 15.47 0.75 5.59
CA SER A 313 14.34 0.96 6.48
C SER A 313 14.79 1.62 7.78
N MET A 314 13.83 2.26 8.43
CA MET A 314 13.99 2.77 9.79
C MET A 314 13.17 1.89 10.71
N LEU A 315 13.84 1.04 11.48
CA LEU A 315 13.18 0.11 12.38
C LEU A 315 13.24 0.54 13.84
N THR A 316 14.03 1.55 14.16
CA THR A 316 14.09 2.10 15.51
C THR A 316 13.90 3.60 15.45
N ASP A 317 13.55 4.17 16.60
CA ASP A 317 13.51 5.62 16.72
C ASP A 317 14.94 6.16 16.72
N PRO A 318 15.27 7.11 15.84
CA PRO A 318 16.59 7.73 15.92
C PRO A 318 16.84 8.46 17.23
N GLY A 319 15.78 8.84 17.94
CA GLY A 319 15.92 9.46 19.25
C GLY A 319 16.71 10.76 19.16
N ASN A 320 17.55 10.99 20.17
CA ASN A 320 18.49 12.11 20.25
C ASN A 320 17.94 13.39 19.62
N VAL A 321 18.72 13.98 18.72
CA VAL A 321 18.28 15.19 18.02
C VAL A 321 17.36 14.85 16.85
N GLN A 322 17.70 13.79 16.11
CA GLN A 322 17.00 13.44 14.89
C GLN A 322 15.58 12.98 15.20
N LYS A 323 14.60 13.80 14.86
CA LYS A 323 13.20 13.50 15.07
C LYS A 323 12.59 12.83 13.85
N ALA A 324 11.49 12.10 14.06
CA ALA A 324 10.86 11.35 12.99
C ALA A 324 9.36 11.29 13.21
N VAL A 325 8.63 11.06 12.13
CA VAL A 325 7.19 10.81 12.19
C VAL A 325 7.01 9.31 12.42
N CYS A 326 6.73 8.94 13.66
CA CYS A 326 6.78 7.55 14.09
C CYS A 326 5.56 6.72 13.72
N HIS A 327 4.65 7.23 12.89
CA HIS A 327 3.51 6.43 12.49
C HIS A 327 3.98 5.23 11.67
N PRO A 328 3.65 4.00 12.07
CA PRO A 328 4.12 2.82 11.34
C PRO A 328 3.58 2.75 9.92
N THR A 329 4.45 2.93 8.93
CA THR A 329 4.05 2.92 7.53
C THR A 329 4.98 2.01 6.74
N ALA A 330 4.40 1.27 5.80
CA ALA A 330 5.17 0.47 4.86
C ALA A 330 5.31 1.25 3.56
N TRP A 331 6.54 1.39 3.09
CA TRP A 331 6.87 2.26 1.97
C TRP A 331 7.20 1.42 0.73
N ASP A 332 6.44 1.62 -0.34
CA ASP A 332 6.78 1.15 -1.67
C ASP A 332 7.20 2.38 -2.46
N LEU A 333 8.50 2.69 -2.42
CA LEU A 333 9.05 3.80 -3.18
C LEU A 333 9.15 3.50 -4.66
N GLY A 334 8.96 2.24 -5.05
CA GLY A 334 9.19 1.83 -6.42
C GLY A 334 10.64 1.48 -6.69
N LYS A 335 10.86 0.87 -7.85
CA LYS A 335 12.19 0.49 -8.31
C LYS A 335 12.92 -0.39 -7.30
N GLY A 336 12.18 -1.35 -6.73
CA GLY A 336 12.74 -2.34 -5.84
C GLY A 336 13.04 -1.87 -4.43
N ASP A 337 12.69 -0.62 -4.11
CA ASP A 337 12.99 -0.04 -2.79
C ASP A 337 11.75 -0.18 -1.93
N PHE A 338 11.76 -1.16 -1.03
CA PHE A 338 10.70 -1.36 -0.06
C PHE A 338 11.26 -1.14 1.34
N ARG A 339 10.61 -0.27 2.10
CA ARG A 339 11.08 0.09 3.43
C ARG A 339 9.91 0.09 4.40
N ILE A 340 10.23 -0.06 5.68
CA ILE A 340 9.28 0.12 6.77
C ILE A 340 9.80 1.22 7.67
N LEU A 341 8.99 2.26 7.87
CA LEU A 341 9.27 3.28 8.87
C LEU A 341 8.50 2.94 10.13
N MET A 342 9.21 2.72 11.22
CA MET A 342 8.56 2.32 12.46
C MET A 342 9.50 2.54 13.62
N CYS A 343 9.08 3.34 14.60
CA CYS A 343 9.83 3.54 15.84
C CYS A 343 9.50 2.39 16.79
N THR A 344 10.06 1.23 16.47
CA THR A 344 9.67 0.00 17.13
C THR A 344 10.23 -0.06 18.55
N LYS A 345 9.34 -0.33 19.50
CA LYS A 345 9.74 -0.71 20.85
C LYS A 345 9.71 -2.22 20.98
N VAL A 346 10.31 -2.72 22.05
CA VAL A 346 10.32 -4.17 22.30
C VAL A 346 9.02 -4.47 23.06
N THR A 347 7.93 -4.57 22.29
CA THR A 347 6.59 -4.80 22.84
C THR A 347 5.83 -5.73 21.91
N MET A 348 4.81 -6.39 22.47
CA MET A 348 3.97 -7.27 21.66
C MET A 348 3.22 -6.48 20.60
N ASP A 349 2.71 -5.29 20.96
CA ASP A 349 1.94 -4.49 20.00
C ASP A 349 2.78 -4.13 18.78
N ASP A 350 4.00 -3.65 19.00
CA ASP A 350 4.88 -3.34 17.88
C ASP A 350 5.34 -4.61 17.17
N PHE A 351 5.42 -5.73 17.88
CA PHE A 351 5.74 -7.00 17.24
C PHE A 351 4.66 -7.38 16.23
N LEU A 352 3.39 -7.23 16.60
CA LEU A 352 2.30 -7.52 15.67
C LEU A 352 2.26 -6.52 14.53
N THR A 353 2.49 -5.23 14.84
CA THR A 353 2.46 -4.21 13.80
C THR A 353 3.56 -4.43 12.77
N ALA A 354 4.72 -4.93 13.21
CA ALA A 354 5.78 -5.25 12.26
C ALA A 354 5.33 -6.34 11.28
N HIS A 355 4.64 -7.36 11.79
CA HIS A 355 4.02 -8.34 10.89
C HIS A 355 2.98 -7.68 10.01
N HIS A 356 2.19 -6.77 10.58
CA HIS A 356 1.18 -6.06 9.81
C HIS A 356 1.81 -5.22 8.71
N GLU A 357 2.81 -4.40 9.06
CA GLU A 357 3.41 -3.51 8.08
C GLU A 357 4.23 -4.27 7.05
N MET A 358 4.94 -5.32 7.47
CA MET A 358 5.64 -6.17 6.50
C MET A 358 4.65 -6.89 5.59
N GLY A 359 3.44 -7.17 6.10
CA GLY A 359 2.41 -7.71 5.24
C GLY A 359 2.07 -6.78 4.09
N HIS A 360 2.07 -5.46 4.35
CA HIS A 360 1.96 -4.50 3.27
C HIS A 360 3.14 -4.62 2.32
N ILE A 361 4.34 -4.76 2.86
CA ILE A 361 5.53 -4.89 2.02
C ILE A 361 5.40 -6.11 1.12
N GLN A 362 5.02 -7.26 1.71
CA GLN A 362 4.83 -8.46 0.91
C GLN A 362 3.83 -8.22 -0.22
N TYR A 363 2.76 -7.47 0.06
CA TYR A 363 1.83 -7.08 -1.00
C TYR A 363 2.54 -6.19 -2.01
N ASP A 364 3.38 -5.25 -1.54
CA ASP A 364 4.07 -4.34 -2.45
C ASP A 364 5.06 -5.08 -3.33
N MET A 365 5.87 -5.98 -2.74
CA MET A 365 6.86 -6.71 -3.53
C MET A 365 6.19 -7.66 -4.52
N ALA A 366 5.02 -8.19 -4.16
CA ALA A 366 4.37 -9.19 -5.01
C ALA A 366 3.85 -8.58 -6.31
N TYR A 367 3.28 -7.37 -6.24
CA TYR A 367 2.81 -6.71 -7.45
C TYR A 367 3.80 -5.69 -7.99
N ALA A 368 5.06 -5.77 -7.56
CA ALA A 368 6.08 -4.85 -8.08
C ALA A 368 6.30 -5.03 -9.58
N ALA A 369 6.03 -6.24 -10.10
CA ALA A 369 6.17 -6.51 -11.51
C ALA A 369 5.01 -5.97 -12.33
N GLN A 370 3.90 -5.59 -11.70
CA GLN A 370 2.79 -5.00 -12.40
C GLN A 370 3.15 -3.59 -12.89
N PRO A 371 2.42 -3.08 -13.89
CA PRO A 371 2.64 -1.69 -14.30
C PRO A 371 2.38 -0.73 -13.15
N PHE A 372 3.07 0.41 -13.19
CA PHE A 372 3.04 1.36 -12.08
C PHE A 372 1.62 1.72 -11.67
N LEU A 373 0.73 1.96 -12.64
CA LEU A 373 -0.63 2.36 -12.33
C LEU A 373 -1.43 1.25 -11.67
N LEU A 374 -1.00 -0.01 -11.82
CA LEU A 374 -1.69 -1.14 -11.23
C LEU A 374 -0.99 -1.68 -9.98
N ARG A 375 0.03 -0.97 -9.48
CA ARG A 375 0.74 -1.38 -8.27
C ARG A 375 0.00 -0.86 -7.05
N ASN A 376 -1.02 -1.61 -6.64
CA ASN A 376 -1.85 -1.25 -5.50
C ASN A 376 -2.67 -2.46 -5.12
N GLY A 377 -3.39 -2.35 -4.01
CA GLY A 377 -4.33 -3.39 -3.65
C GLY A 377 -5.45 -3.52 -4.67
N ALA A 378 -6.07 -4.70 -4.69
CA ALA A 378 -7.12 -4.96 -5.66
C ALA A 378 -8.25 -3.93 -5.54
N ASN A 379 -8.58 -3.53 -4.31
CA ASN A 379 -9.35 -2.33 -4.07
C ASN A 379 -8.80 -1.68 -2.80
N GLU A 380 -9.51 -0.66 -2.32
CA GLU A 380 -9.00 0.11 -1.18
C GLU A 380 -8.93 -0.71 0.10
N GLY A 381 -9.73 -1.77 0.21
CA GLY A 381 -9.72 -2.60 1.40
C GLY A 381 -8.74 -3.75 1.39
N PHE A 382 -8.13 -4.05 0.25
CA PHE A 382 -7.28 -5.24 0.15
C PHE A 382 -5.98 -5.08 0.94
N HIS A 383 -5.28 -3.95 0.74
CA HIS A 383 -3.96 -3.79 1.34
C HIS A 383 -4.05 -3.84 2.86
N GLU A 384 -5.03 -3.13 3.43
CA GLU A 384 -5.20 -3.13 4.88
C GLU A 384 -5.60 -4.52 5.37
N ALA A 385 -6.44 -5.23 4.61
CA ALA A 385 -6.82 -6.58 4.98
C ALA A 385 -5.62 -7.52 4.97
N VAL A 386 -4.73 -7.38 3.99
CA VAL A 386 -3.54 -8.22 3.93
C VAL A 386 -2.67 -7.99 5.17
N GLY A 387 -2.48 -6.73 5.55
CA GLY A 387 -1.70 -6.44 6.74
C GLY A 387 -2.34 -6.94 8.01
N GLU A 388 -3.68 -6.90 8.09
CA GLU A 388 -4.35 -7.29 9.33
C GLU A 388 -4.20 -8.78 9.61
N ILE A 389 -4.34 -9.63 8.58
CA ILE A 389 -4.31 -11.08 8.80
C ILE A 389 -2.95 -11.54 9.29
N MET A 390 -1.88 -10.79 9.00
CA MET A 390 -0.57 -11.14 9.53
C MET A 390 -0.54 -11.00 11.04
N SER A 391 -1.09 -9.89 11.56
CA SER A 391 -1.16 -9.71 13.00
C SER A 391 -2.15 -10.68 13.63
N LEU A 392 -3.13 -11.15 12.87
CA LEU A 392 -4.04 -12.18 13.38
C LEU A 392 -3.28 -13.46 13.70
N SER A 393 -2.50 -13.97 12.75
CA SER A 393 -1.74 -15.19 12.96
C SER A 393 -0.59 -14.97 13.93
N ALA A 394 0.09 -13.81 13.84
CA ALA A 394 1.24 -13.55 14.68
C ALA A 394 0.86 -13.46 16.15
N ALA A 395 -0.36 -13.05 16.46
CA ALA A 395 -0.81 -12.88 17.84
C ALA A 395 -1.35 -14.15 18.47
N THR A 396 -1.58 -15.20 17.68
CA THR A 396 -2.14 -16.42 18.23
C THR A 396 -1.18 -17.06 19.22
N PRO A 397 -1.71 -17.71 20.26
CA PRO A 397 -0.83 -18.42 21.21
C PRO A 397 0.01 -19.49 20.54
N LYS A 398 -0.52 -20.13 19.49
CA LYS A 398 0.27 -21.12 18.75
C LYS A 398 1.51 -20.49 18.14
N HIS A 399 1.36 -19.32 17.53
CA HIS A 399 2.52 -18.63 16.96
C HIS A 399 3.46 -18.13 18.04
N LEU A 400 2.92 -17.52 19.10
CA LEU A 400 3.75 -16.99 20.17
C LEU A 400 4.48 -18.11 20.91
N LYS A 401 3.88 -19.29 20.99
CA LYS A 401 4.57 -20.43 21.59
C LYS A 401 5.65 -20.98 20.67
N SER A 402 5.38 -21.03 19.37
CA SER A 402 6.32 -21.62 18.43
C SER A 402 7.60 -20.81 18.29
N ILE A 403 7.58 -19.52 18.65
CA ILE A 403 8.75 -18.66 18.52
C ILE A 403 9.39 -18.36 19.86
N GLY A 404 8.98 -19.07 20.91
CA GLY A 404 9.61 -18.90 22.21
C GLY A 404 9.26 -17.64 22.95
N LEU A 405 8.12 -17.01 22.63
CA LEU A 405 7.64 -15.86 23.39
C LEU A 405 6.57 -16.24 24.41
N LEU A 406 5.93 -17.39 24.25
CA LEU A 406 4.96 -17.90 25.21
C LEU A 406 5.40 -19.30 25.60
N SER A 407 5.76 -19.48 26.88
CA SER A 407 6.32 -20.75 27.31
C SER A 407 5.26 -21.86 27.24
N PRO A 408 5.70 -23.11 27.01
CA PRO A 408 4.71 -24.20 26.86
C PRO A 408 3.82 -24.41 28.06
N ASP A 409 4.30 -24.11 29.28
CA ASP A 409 3.46 -24.29 30.47
C ASP A 409 2.29 -23.31 30.51
N PHE A 410 2.15 -22.44 29.51
CA PHE A 410 0.94 -21.67 29.31
C PHE A 410 -0.07 -22.55 28.57
N GLN A 411 -1.30 -22.61 29.08
CA GLN A 411 -2.39 -23.27 28.38
C GLN A 411 -3.55 -22.31 28.26
N GLU A 412 -4.28 -22.42 27.15
CA GLU A 412 -5.35 -21.50 26.81
C GLU A 412 -6.69 -22.13 27.20
N ASP A 413 -7.39 -21.49 28.13
CA ASP A 413 -8.76 -21.87 28.44
C ASP A 413 -9.73 -21.03 27.63
N ASN A 414 -10.98 -21.49 27.57
CA ASN A 414 -11.99 -20.81 26.77
C ASN A 414 -12.31 -19.41 27.30
N GLU A 415 -11.94 -19.12 28.55
CA GLU A 415 -12.19 -17.80 29.11
C GLU A 415 -11.24 -16.75 28.54
N THR A 416 -9.96 -17.09 28.38
CA THR A 416 -9.03 -16.16 27.75
C THR A 416 -9.33 -15.97 26.27
N GLU A 417 -9.88 -16.99 25.61
CA GLU A 417 -10.29 -16.85 24.22
C GLU A 417 -11.49 -15.91 24.10
N ILE A 418 -12.47 -16.06 25.00
CA ILE A 418 -13.58 -15.12 25.04
C ILE A 418 -13.09 -13.73 25.40
N ASN A 419 -12.13 -13.64 26.32
CA ASN A 419 -11.47 -12.37 26.61
C ASN A 419 -10.82 -11.80 25.35
N PHE A 420 -10.08 -12.64 24.63
CA PHE A 420 -9.40 -12.19 23.42
C PHE A 420 -10.39 -11.78 22.34
N LEU A 421 -11.44 -12.58 22.13
CA LEU A 421 -12.42 -12.27 21.10
C LEU A 421 -13.21 -11.01 21.45
N LEU A 422 -13.51 -10.80 22.74
CA LEU A 422 -14.19 -9.59 23.15
C LEU A 422 -13.35 -8.36 22.84
N LYS A 423 -12.06 -8.41 23.12
CA LYS A 423 -11.17 -7.30 22.78
C LYS A 423 -11.12 -7.11 21.27
N GLN A 424 -11.04 -8.20 20.52
CA GLN A 424 -11.07 -8.10 19.07
C GLN A 424 -12.39 -7.52 18.57
N ALA A 425 -13.51 -7.97 19.13
CA ALA A 425 -14.81 -7.48 18.70
C ALA A 425 -14.99 -6.00 19.02
N LEU A 426 -14.45 -5.55 20.16
CA LEU A 426 -14.52 -4.14 20.49
C LEU A 426 -13.87 -3.29 19.41
N THR A 427 -12.71 -3.71 18.92
CA THR A 427 -12.05 -2.99 17.84
C THR A 427 -12.67 -3.32 16.48
N ILE A 428 -12.82 -4.61 16.18
CA ILE A 428 -13.17 -5.03 14.83
C ILE A 428 -14.67 -4.93 14.61
N VAL A 429 -15.48 -5.56 15.46
CA VAL A 429 -16.93 -5.53 15.28
C VAL A 429 -17.47 -4.14 15.58
N GLY A 430 -16.98 -3.50 16.64
CA GLY A 430 -17.52 -2.21 17.04
C GLY A 430 -17.36 -1.13 16.00
N THR A 431 -16.33 -1.23 15.16
CA THR A 431 -16.10 -0.22 14.14
C THR A 431 -17.04 -0.35 12.95
N LEU A 432 -17.57 -1.54 12.70
CA LEU A 432 -18.36 -1.77 11.49
C LEU A 432 -19.64 -0.93 11.45
N PRO A 433 -20.50 -0.90 12.49
CA PRO A 433 -21.63 0.04 12.44
C PRO A 433 -21.21 1.49 12.42
N PHE A 434 -20.13 1.82 13.12
CA PHE A 434 -19.58 3.17 13.03
C PHE A 434 -19.14 3.47 11.61
N THR A 435 -18.44 2.53 10.99
CA THR A 435 -17.93 2.74 9.64
C THR A 435 -19.06 2.80 8.61
N TYR A 436 -19.99 1.85 8.68
CA TYR A 436 -21.09 1.82 7.72
C TYR A 436 -21.97 3.06 7.86
N MET A 437 -22.39 3.37 9.09
CA MET A 437 -23.29 4.50 9.30
C MET A 437 -22.63 5.83 8.92
N LEU A 438 -21.35 6.00 9.24
CA LEU A 438 -20.65 7.21 8.83
C LEU A 438 -20.61 7.32 7.31
N GLU A 439 -20.22 6.23 6.64
CA GLU A 439 -20.16 6.28 5.19
C GLU A 439 -21.54 6.33 4.56
N LYS A 440 -22.52 5.69 5.20
CA LYS A 440 -23.91 5.81 4.72
C LYS A 440 -24.37 7.26 4.79
N TRP A 441 -24.08 7.94 5.91
CA TRP A 441 -24.44 9.35 6.03
C TRP A 441 -23.74 10.18 4.97
N ARG A 442 -22.44 9.94 4.76
CA ARG A 442 -21.73 10.67 3.70
C ARG A 442 -22.28 10.33 2.32
N TRP A 443 -22.62 9.06 2.09
CA TRP A 443 -23.23 8.67 0.82
C TRP A 443 -24.54 9.41 0.61
N MET A 444 -25.38 9.46 1.65
CA MET A 444 -26.66 10.15 1.53
C MET A 444 -26.49 11.66 1.43
N VAL A 445 -25.48 12.22 2.09
CA VAL A 445 -25.21 13.65 1.97
C VAL A 445 -24.79 13.99 0.55
N PHE A 446 -23.91 13.19 -0.04
CA PHE A 446 -23.50 13.43 -1.42
C PHE A 446 -24.66 13.22 -2.39
N LYS A 447 -25.50 12.22 -2.12
CA LYS A 447 -26.66 11.95 -2.95
C LYS A 447 -27.72 13.04 -2.87
N GLY A 448 -27.64 13.92 -1.87
CA GLY A 448 -28.68 14.90 -1.65
C GLY A 448 -29.87 14.40 -0.86
N GLU A 449 -29.80 13.18 -0.32
CA GLU A 449 -30.89 12.63 0.47
C GLU A 449 -30.96 13.21 1.88
N ILE A 450 -29.95 13.97 2.30
CA ILE A 450 -29.99 14.69 3.57
C ILE A 450 -29.81 16.18 3.30
N PRO A 451 -30.82 17.00 3.55
CA PRO A 451 -30.65 18.45 3.40
C PRO A 451 -29.69 19.00 4.43
N LYS A 452 -29.11 20.16 4.12
CA LYS A 452 -28.14 20.78 5.02
C LYS A 452 -28.72 21.02 6.40
N ASP A 453 -30.00 21.42 6.46
CA ASP A 453 -30.63 21.72 7.75
C ASP A 453 -30.97 20.48 8.55
N GLN A 454 -30.71 19.28 8.01
CA GLN A 454 -30.94 18.04 8.75
C GLN A 454 -29.69 17.17 8.77
N TRP A 455 -28.51 17.74 8.51
CA TRP A 455 -27.27 16.98 8.54
C TRP A 455 -27.05 16.35 9.91
N MET A 456 -26.93 17.19 10.95
CA MET A 456 -26.72 16.68 12.30
C MET A 456 -27.96 16.04 12.88
N LYS A 457 -29.14 16.42 12.40
CA LYS A 457 -30.36 15.69 12.79
C LYS A 457 -30.30 14.25 12.30
N LYS A 458 -29.97 14.06 11.02
CA LYS A 458 -29.88 12.71 10.46
C LYS A 458 -28.61 11.98 10.91
N TRP A 459 -27.50 12.72 11.11
CA TRP A 459 -26.29 12.08 11.58
C TRP A 459 -26.51 11.38 12.91
N TRP A 460 -27.24 12.02 13.81
CA TRP A 460 -27.52 11.41 15.11
C TRP A 460 -28.76 10.52 15.09
N GLU A 461 -29.68 10.73 14.15
CA GLU A 461 -30.72 9.73 13.94
C GLU A 461 -30.12 8.40 13.52
N MET A 462 -29.12 8.43 12.63
CA MET A 462 -28.47 7.21 12.19
C MET A 462 -27.53 6.66 13.24
N LYS A 463 -26.87 7.54 14.01
CA LYS A 463 -25.99 7.08 15.08
C LYS A 463 -26.76 6.25 16.11
N ARG A 464 -27.90 6.77 16.56
CA ARG A 464 -28.73 6.02 17.50
C ARG A 464 -29.30 4.77 16.84
N GLU A 465 -29.82 4.90 15.62
CA GLU A 465 -30.54 3.80 15.00
C GLU A 465 -29.60 2.70 14.53
N ILE A 466 -28.50 3.06 13.89
CA ILE A 466 -27.60 2.08 13.29
C ILE A 466 -26.50 1.65 14.26
N VAL A 467 -25.78 2.63 14.83
CA VAL A 467 -24.65 2.32 15.70
C VAL A 467 -25.07 2.08 17.14
N GLY A 468 -26.31 2.41 17.51
CA GLY A 468 -26.69 2.32 18.92
C GLY A 468 -25.91 3.29 19.78
N VAL A 469 -25.62 4.47 19.26
CA VAL A 469 -24.80 5.47 19.94
C VAL A 469 -25.55 6.79 19.93
N VAL A 470 -25.66 7.42 21.09
CA VAL A 470 -26.44 8.64 21.27
C VAL A 470 -25.50 9.77 21.63
N GLU A 471 -25.72 10.94 21.03
CA GLU A 471 -24.94 12.11 21.41
C GLU A 471 -25.26 12.50 22.85
N PRO A 472 -24.25 12.84 23.65
CA PRO A 472 -24.51 13.29 25.02
C PRO A 472 -25.01 14.72 25.12
N VAL A 473 -24.90 15.51 24.07
CA VAL A 473 -25.34 16.90 24.06
C VAL A 473 -26.07 17.16 22.74
N PRO A 474 -27.26 17.75 22.77
CA PRO A 474 -27.97 18.01 21.50
C PRO A 474 -27.15 18.91 20.59
N HIS A 475 -27.17 18.59 19.30
CA HIS A 475 -26.35 19.28 18.31
C HIS A 475 -27.24 19.83 17.22
N ASP A 476 -27.24 21.15 17.06
CA ASP A 476 -27.94 21.79 15.96
C ASP A 476 -27.10 21.65 14.69
N GLU A 477 -27.49 22.36 13.63
CA GLU A 477 -26.79 22.26 12.36
C GLU A 477 -25.60 23.20 12.25
N THR A 478 -25.28 23.94 13.32
CA THR A 478 -24.00 24.63 13.37
C THR A 478 -22.86 23.64 13.59
N TYR A 479 -23.14 22.48 14.15
CA TYR A 479 -22.16 21.42 14.30
C TYR A 479 -21.92 20.72 12.97
N CYS A 480 -20.76 20.06 12.88
CA CYS A 480 -20.47 19.08 11.83
C CYS A 480 -19.67 17.97 12.51
N ASP A 481 -20.38 16.98 13.02
CA ASP A 481 -19.78 15.93 13.85
C ASP A 481 -19.00 14.90 13.03
N PRO A 482 -19.47 14.48 11.85
CA PRO A 482 -18.60 13.65 11.00
C PRO A 482 -17.26 14.29 10.72
N ALA A 483 -17.25 15.58 10.36
CA ALA A 483 -16.00 16.26 10.08
C ALA A 483 -15.09 16.33 11.30
N SER A 484 -15.63 16.10 12.51
CA SER A 484 -14.78 16.00 13.68
C SER A 484 -13.88 14.77 13.64
N LEU A 485 -14.14 13.84 12.73
CA LEU A 485 -13.27 12.70 12.49
C LEU A 485 -12.32 13.03 11.34
N PHE A 486 -11.11 12.46 11.42
CA PHE A 486 -10.05 12.76 10.45
C PHE A 486 -10.50 12.50 9.03
N HIS A 487 -11.02 11.30 8.77
CA HIS A 487 -11.29 10.89 7.40
C HIS A 487 -12.35 11.76 6.74
N VAL A 488 -13.35 12.21 7.50
CA VAL A 488 -14.40 13.04 6.92
C VAL A 488 -13.87 14.43 6.58
N SER A 489 -13.10 15.03 7.49
CA SER A 489 -12.57 16.36 7.26
C SER A 489 -11.31 16.35 6.39
N ASN A 490 -10.67 15.20 6.22
CA ASN A 490 -9.49 15.09 5.36
C ASN A 490 -9.80 14.37 4.06
N ASP A 491 -11.08 14.24 3.71
CA ASP A 491 -11.51 13.79 2.38
C ASP A 491 -10.99 12.39 2.05
N TYR A 492 -11.29 11.43 2.93
CA TYR A 492 -10.95 10.04 2.73
C TYR A 492 -12.21 9.20 2.77
N SER A 493 -12.36 8.29 1.80
CA SER A 493 -13.47 7.36 1.83
C SER A 493 -13.34 6.46 3.06
N PHE A 494 -14.47 6.10 3.65
CA PHE A 494 -14.45 5.39 4.92
C PHE A 494 -14.95 3.95 4.85
N ILE A 495 -15.71 3.59 3.81
CA ILE A 495 -16.19 2.22 3.68
C ILE A 495 -15.05 1.23 3.49
N ARG A 496 -13.83 1.71 3.23
CA ARG A 496 -12.70 0.81 3.07
C ARG A 496 -12.44 0.02 4.34
N TYR A 497 -12.69 0.60 5.51
CA TYR A 497 -12.48 -0.11 6.76
C TYR A 497 -13.58 -1.12 7.04
N TYR A 498 -14.74 -0.97 6.43
CA TYR A 498 -15.77 -2.00 6.49
C TYR A 498 -15.44 -3.17 5.57
N THR A 499 -15.12 -2.85 4.30
CA THR A 499 -14.81 -3.90 3.33
C THR A 499 -13.53 -4.64 3.71
N ARG A 500 -12.51 -3.91 4.18
CA ARG A 500 -11.27 -4.56 4.60
C ARG A 500 -11.53 -5.53 5.75
N THR A 501 -12.36 -5.13 6.71
CA THR A 501 -12.66 -6.00 7.84
C THR A 501 -13.28 -7.31 7.36
N LEU A 502 -14.22 -7.24 6.42
CA LEU A 502 -14.80 -8.46 5.89
C LEU A 502 -13.81 -9.20 5.00
N TYR A 503 -12.97 -8.46 4.26
CA TYR A 503 -11.96 -9.10 3.43
C TYR A 503 -10.95 -9.88 4.27
N GLN A 504 -10.49 -9.29 5.37
CA GLN A 504 -9.40 -9.90 6.13
C GLN A 504 -9.80 -11.24 6.70
N PHE A 505 -11.04 -11.36 7.18
CA PHE A 505 -11.48 -12.65 7.70
C PHE A 505 -11.83 -13.61 6.58
N GLN A 506 -12.31 -13.10 5.44
CA GLN A 506 -12.39 -13.94 4.25
C GLN A 506 -11.01 -14.46 3.88
N PHE A 507 -10.01 -13.57 3.88
CA PHE A 507 -8.64 -13.99 3.61
C PHE A 507 -8.16 -15.00 4.64
N GLN A 508 -8.29 -14.65 5.93
CA GLN A 508 -7.76 -15.50 6.98
C GLN A 508 -8.44 -16.86 6.99
N GLU A 509 -9.76 -16.90 6.86
CA GLU A 509 -10.47 -18.16 6.82
C GLU A 509 -9.98 -19.03 5.66
N ALA A 510 -9.76 -18.41 4.50
CA ALA A 510 -9.29 -19.16 3.34
C ALA A 510 -7.88 -19.68 3.55
N LEU A 511 -6.98 -18.82 4.03
CA LEU A 511 -5.59 -19.23 4.25
C LEU A 511 -5.50 -20.30 5.33
N CYS A 512 -6.29 -20.16 6.40
CA CYS A 512 -6.34 -21.20 7.43
C CYS A 512 -6.89 -22.49 6.86
N GLN A 513 -7.88 -22.40 5.97
CA GLN A 513 -8.36 -23.58 5.26
C GLN A 513 -7.25 -24.20 4.41
N ALA A 514 -6.45 -23.36 3.75
CA ALA A 514 -5.28 -23.86 3.03
C ALA A 514 -4.22 -24.39 4.00
N ALA A 515 -4.09 -23.78 5.18
CA ALA A 515 -3.14 -24.24 6.19
C ALA A 515 -3.61 -25.51 6.90
N LYS A 516 -4.77 -26.06 6.52
CA LYS A 516 -5.33 -27.25 7.16
C LYS A 516 -5.51 -27.03 8.66
N HIS A 517 -5.86 -25.80 9.04
CA HIS A 517 -6.03 -25.46 10.44
C HIS A 517 -7.32 -26.09 10.97
N GLU A 518 -7.20 -26.86 12.04
CA GLU A 518 -8.35 -27.45 12.72
C GLU A 518 -8.61 -26.71 14.01
N GLY A 519 -9.87 -26.36 14.25
CA GLY A 519 -10.26 -25.63 15.42
C GLY A 519 -10.92 -24.31 15.08
N PRO A 520 -11.17 -23.48 16.09
CA PRO A 520 -11.76 -22.16 15.85
C PRO A 520 -10.86 -21.30 14.98
N LEU A 521 -11.49 -20.44 14.19
CA LEU A 521 -10.73 -19.63 13.23
C LEU A 521 -9.79 -18.65 13.93
N HIS A 522 -10.21 -18.10 15.07
CA HIS A 522 -9.41 -17.08 15.74
C HIS A 522 -8.09 -17.63 16.28
N LYS A 523 -7.98 -18.94 16.47
CA LYS A 523 -6.78 -19.57 16.97
C LYS A 523 -5.76 -19.87 15.87
N CYS A 524 -6.08 -19.55 14.63
CA CYS A 524 -5.31 -20.06 13.49
C CYS A 524 -4.04 -19.25 13.25
N ASP A 525 -2.96 -19.98 12.97
CA ASP A 525 -1.70 -19.41 12.52
C ASP A 525 -1.35 -20.04 11.17
N ILE A 526 -1.08 -19.20 10.18
CA ILE A 526 -0.83 -19.68 8.82
C ILE A 526 0.65 -19.98 8.67
N SER A 527 1.40 -19.92 9.78
CA SER A 527 2.83 -20.13 9.72
C SER A 527 3.16 -21.53 9.22
N ASN A 528 4.27 -21.64 8.49
CA ASN A 528 4.81 -22.88 7.93
C ASN A 528 3.90 -23.50 6.87
N SER A 529 2.89 -22.77 6.41
CA SER A 529 1.95 -23.27 5.40
C SER A 529 2.24 -22.55 4.08
N THR A 530 3.02 -23.21 3.21
CA THR A 530 3.31 -22.65 1.90
C THR A 530 2.06 -22.64 1.02
N GLU A 531 1.12 -23.54 1.27
CA GLU A 531 -0.14 -23.53 0.55
C GLU A 531 -0.93 -22.27 0.83
N ALA A 532 -0.96 -21.83 2.10
CA ALA A 532 -1.63 -20.59 2.45
C ALA A 532 -0.93 -19.39 1.82
N GLY A 533 0.40 -19.35 1.86
CA GLY A 533 1.13 -18.26 1.24
C GLY A 533 0.96 -18.23 -0.27
N GLN A 534 0.93 -19.41 -0.90
CA GLN A 534 0.71 -19.47 -2.34
C GLN A 534 -0.67 -18.94 -2.70
N LYS A 535 -1.69 -19.33 -1.95
CA LYS A 535 -3.04 -18.84 -2.21
C LYS A 535 -3.12 -17.34 -2.00
N LEU A 536 -2.45 -16.82 -0.97
CA LEU A 536 -2.38 -15.38 -0.79
C LEU A 536 -1.57 -14.70 -1.89
N PHE A 537 -0.45 -15.31 -2.28
CA PHE A 537 0.42 -14.69 -3.29
C PHE A 537 -0.27 -14.59 -4.65
N ASN A 538 -1.13 -15.55 -4.98
CA ASN A 538 -1.83 -15.52 -6.26
C ASN A 538 -2.75 -14.30 -6.38
N MET A 539 -3.07 -13.65 -5.27
CA MET A 539 -3.75 -12.37 -5.26
C MET A 539 -2.78 -11.21 -5.10
N LEU A 540 -1.77 -11.36 -4.25
CA LEU A 540 -0.83 -10.27 -4.00
C LEU A 540 -0.13 -9.85 -5.27
N ARG A 541 0.29 -10.81 -6.10
CA ARG A 541 0.95 -10.48 -7.35
C ARG A 541 -0.01 -9.83 -8.36
N LEU A 542 -1.32 -10.01 -8.20
CA LEU A 542 -2.26 -9.39 -9.12
C LEU A 542 -2.21 -7.87 -9.03
N GLY A 543 -2.13 -7.33 -7.81
CA GLY A 543 -2.22 -5.90 -7.64
C GLY A 543 -3.57 -5.39 -8.08
N LYS A 544 -3.57 -4.30 -8.85
CA LYS A 544 -4.79 -3.79 -9.46
C LYS A 544 -5.03 -4.33 -10.87
N SER A 545 -4.18 -5.25 -11.35
CA SER A 545 -4.31 -5.71 -12.73
C SER A 545 -5.64 -6.43 -12.96
N GLU A 546 -6.05 -7.28 -12.04
CA GLU A 546 -7.30 -8.02 -12.16
C GLU A 546 -8.39 -7.36 -11.33
N PRO A 547 -9.65 -7.62 -11.66
CA PRO A 547 -10.74 -7.10 -10.84
C PRO A 547 -10.62 -7.60 -9.39
N TRP A 548 -10.98 -6.72 -8.45
CA TRP A 548 -10.89 -7.10 -7.04
C TRP A 548 -11.77 -8.30 -6.74
N THR A 549 -12.86 -8.47 -7.50
CA THR A 549 -13.68 -9.67 -7.37
C THR A 549 -12.89 -10.93 -7.70
N LEU A 550 -12.08 -10.87 -8.76
CA LEU A 550 -11.25 -12.02 -9.12
C LEU A 550 -10.11 -12.21 -8.12
N ALA A 551 -9.47 -11.11 -7.71
CA ALA A 551 -8.41 -11.21 -6.72
C ALA A 551 -8.94 -11.76 -5.40
N LEU A 552 -10.18 -11.42 -5.05
CA LEU A 552 -10.81 -12.03 -3.89
C LEU A 552 -11.04 -13.52 -4.11
N GLU A 553 -11.46 -13.90 -5.32
CA GLU A 553 -11.72 -15.32 -5.60
C GLU A 553 -10.43 -16.12 -5.60
N ASN A 554 -9.30 -15.51 -5.99
CA ASN A 554 -8.02 -16.21 -5.98
C ASN A 554 -7.57 -16.60 -4.59
N VAL A 555 -8.17 -16.04 -3.54
CA VAL A 555 -7.87 -16.41 -2.17
C VAL A 555 -8.97 -17.26 -1.56
N VAL A 556 -10.22 -16.80 -1.65
CA VAL A 556 -11.33 -17.35 -0.90
C VAL A 556 -12.29 -18.17 -1.75
N GLY A 557 -12.10 -18.19 -3.06
CA GLY A 557 -13.03 -18.91 -3.91
C GLY A 557 -14.39 -18.28 -4.03
N ALA A 558 -14.50 -16.99 -3.72
CA ALA A 558 -15.76 -16.26 -3.82
C ALA A 558 -15.49 -14.92 -4.51
N LYS A 559 -16.38 -14.54 -5.41
CA LYS A 559 -16.22 -13.31 -6.17
C LYS A 559 -16.66 -12.07 -5.42
N ASN A 560 -17.33 -12.22 -4.28
CA ASN A 560 -17.94 -11.08 -3.61
C ASN A 560 -17.56 -11.06 -2.13
N MET A 561 -17.59 -9.86 -1.56
CA MET A 561 -17.37 -9.70 -0.13
C MET A 561 -18.41 -10.49 0.66
N ASN A 562 -17.94 -11.28 1.63
CA ASN A 562 -18.80 -12.13 2.42
C ASN A 562 -18.52 -11.91 3.90
N VAL A 563 -19.60 -11.82 4.68
CA VAL A 563 -19.49 -11.57 6.12
C VAL A 563 -19.37 -12.85 6.93
N ARG A 564 -19.66 -14.01 6.34
CA ARG A 564 -19.62 -15.26 7.10
C ARG A 564 -18.29 -15.53 7.78
N PRO A 565 -17.12 -15.33 7.13
CA PRO A 565 -15.86 -15.51 7.87
C PRO A 565 -15.71 -14.57 9.06
N LEU A 566 -16.25 -13.35 8.98
CA LEU A 566 -16.21 -12.46 10.14
C LEU A 566 -17.01 -13.04 11.29
N LEU A 567 -18.22 -13.53 11.01
CA LEU A 567 -19.02 -14.17 12.04
C LEU A 567 -18.41 -15.49 12.49
N ASN A 568 -17.78 -16.23 11.57
CA ASN A 568 -17.07 -17.45 11.94
C ASN A 568 -15.95 -17.15 12.92
N TYR A 569 -15.22 -16.05 12.70
CA TYR A 569 -14.14 -15.67 13.59
C TYR A 569 -14.66 -15.35 14.99
N PHE A 570 -15.83 -14.72 15.09
CA PHE A 570 -16.37 -14.26 16.35
C PHE A 570 -17.47 -15.14 16.91
N GLU A 571 -17.74 -16.30 16.29
CA GLU A 571 -18.83 -17.14 16.77
C GLU A 571 -18.67 -17.58 18.23
N PRO A 572 -17.50 -17.99 18.73
CA PRO A 572 -17.39 -18.31 20.16
C PRO A 572 -17.81 -17.16 21.05
N LEU A 573 -17.47 -15.93 20.69
CA LEU A 573 -17.93 -14.77 21.44
C LEU A 573 -19.43 -14.55 21.24
N PHE A 574 -19.92 -14.74 20.01
CA PHE A 574 -21.32 -14.48 19.71
C PHE A 574 -22.23 -15.37 20.54
N THR A 575 -21.91 -16.67 20.61
CA THR A 575 -22.68 -17.57 21.47
C THR A 575 -22.51 -17.18 22.94
N TRP A 576 -21.31 -16.79 23.33
CA TRP A 576 -21.07 -16.34 24.70
C TRP A 576 -21.84 -15.06 25.00
N LEU A 577 -21.87 -14.12 24.04
CA LEU A 577 -22.61 -12.88 24.24
C LEU A 577 -24.10 -13.15 24.42
N LYS A 578 -24.67 -14.03 23.60
CA LYS A 578 -26.10 -14.31 23.70
C LYS A 578 -26.43 -14.98 25.03
N ASP A 579 -25.53 -15.85 25.52
CA ASP A 579 -25.72 -16.42 26.85
C ASP A 579 -25.56 -15.36 27.93
N GLN A 580 -24.59 -14.45 27.77
CA GLN A 580 -24.36 -13.42 28.78
C GLN A 580 -25.46 -12.36 28.77
N ASN A 581 -26.12 -12.15 27.63
CA ASN A 581 -27.25 -11.23 27.55
C ASN A 581 -28.58 -11.94 27.77
N LYS A 582 -28.56 -13.06 28.50
CA LYS A 582 -29.81 -13.78 28.80
C LYS A 582 -30.80 -12.88 29.54
N ASN A 583 -30.35 -12.26 30.62
CA ASN A 583 -31.19 -11.38 31.44
C ASN A 583 -30.83 -9.92 31.19
N SER A 584 -30.49 -9.59 29.95
CA SER A 584 -30.16 -8.23 29.56
C SER A 584 -30.95 -7.87 28.31
N PHE A 585 -31.26 -6.59 28.16
CA PHE A 585 -31.97 -6.13 26.97
C PHE A 585 -31.00 -6.05 25.80
N VAL A 586 -31.36 -6.70 24.70
CA VAL A 586 -30.56 -6.71 23.48
C VAL A 586 -31.23 -5.80 22.47
N GLY A 587 -30.47 -4.89 21.89
CA GLY A 587 -31.02 -3.80 21.12
C GLY A 587 -30.99 -2.51 21.91
N TRP A 588 -31.50 -1.46 21.30
CA TRP A 588 -31.45 -0.15 21.92
C TRP A 588 -32.64 0.69 21.48
N SER A 589 -32.94 1.69 22.29
CA SER A 589 -33.97 2.68 21.98
C SER A 589 -33.30 3.98 21.58
N THR A 590 -33.68 4.50 20.41
CA THR A 590 -33.09 5.75 19.93
C THR A 590 -33.63 6.97 20.64
N ASP A 591 -34.80 6.88 21.28
CA ASP A 591 -35.39 8.06 21.89
C ASP A 591 -34.65 8.49 23.15
N TRP A 592 -33.97 7.56 23.82
CA TRP A 592 -33.25 7.89 25.04
C TRP A 592 -31.96 8.62 24.72
N SER A 593 -31.71 9.70 25.46
CA SER A 593 -30.46 10.44 25.40
C SER A 593 -30.05 10.83 26.80
N PRO A 594 -28.74 10.90 27.08
CA PRO A 594 -28.29 11.27 28.42
C PRO A 594 -28.68 12.68 28.82
N TYR A 595 -29.01 13.55 27.86
CA TYR A 595 -29.56 14.86 28.17
C TYR A 595 -31.08 14.83 28.25
N ALA A 596 -31.66 13.67 28.56
CA ALA A 596 -33.10 13.48 28.70
C ALA A 596 -33.84 13.88 27.41
N THR B 1 50.84 -12.32 -28.42
CA THR B 1 52.09 -11.88 -27.79
C THR B 1 51.81 -10.90 -26.65
N ASN B 2 50.99 -9.89 -26.93
CA ASN B 2 50.61 -8.90 -25.93
C ASN B 2 49.27 -9.28 -25.31
N LEU B 3 49.05 -8.82 -24.09
CA LEU B 3 47.82 -9.14 -23.37
C LEU B 3 46.63 -8.42 -24.00
N CYS B 4 45.54 -9.14 -24.21
CA CYS B 4 44.34 -8.52 -24.77
C CYS B 4 43.80 -7.47 -23.82
N PRO B 5 43.40 -6.30 -24.31
CA PRO B 5 43.00 -5.19 -23.43
C PRO B 5 41.62 -5.38 -22.82
N PHE B 6 41.48 -6.44 -22.01
CA PHE B 6 40.22 -6.68 -21.30
C PHE B 6 40.05 -5.73 -20.12
N ASP B 7 41.14 -5.26 -19.53
CA ASP B 7 41.03 -4.30 -18.43
C ASP B 7 40.41 -2.99 -18.91
N GLU B 8 40.69 -2.59 -20.16
CA GLU B 8 40.02 -1.42 -20.73
C GLU B 8 38.51 -1.62 -20.75
N VAL B 9 38.06 -2.78 -21.22
CA VAL B 9 36.63 -3.01 -21.40
C VAL B 9 35.95 -3.21 -20.05
N PHE B 10 36.48 -4.10 -19.22
CA PHE B 10 35.82 -4.45 -17.97
C PHE B 10 35.97 -3.36 -16.93
N ASN B 11 37.16 -2.77 -16.79
CA ASN B 11 37.43 -1.76 -15.77
C ASN B 11 37.32 -0.35 -16.31
N ALA B 12 36.53 -0.15 -17.36
CA ALA B 12 36.29 1.20 -17.86
C ALA B 12 35.65 2.05 -16.75
N THR B 13 36.10 3.29 -16.65
CA THR B 13 35.56 4.20 -15.63
C THR B 13 34.06 4.38 -15.79
N ARG B 14 33.61 4.57 -17.03
CA ARG B 14 32.19 4.69 -17.34
C ARG B 14 31.86 3.77 -18.50
N PHE B 15 30.87 2.90 -18.30
CA PHE B 15 30.39 2.06 -19.38
C PHE B 15 29.50 2.86 -20.31
N ALA B 16 29.29 2.33 -21.51
CA ALA B 16 28.40 2.97 -22.47
C ALA B 16 26.95 2.73 -22.08
N SER B 17 26.08 3.65 -22.49
CA SER B 17 24.65 3.39 -22.40
C SER B 17 24.29 2.22 -23.31
N VAL B 18 23.32 1.42 -22.86
CA VAL B 18 23.00 0.19 -23.58
C VAL B 18 22.49 0.50 -24.99
N TYR B 19 21.80 1.62 -25.17
CA TYR B 19 21.38 2.01 -26.52
C TYR B 19 22.60 2.33 -27.39
N ALA B 20 23.68 2.83 -26.79
CA ALA B 20 24.89 3.18 -27.52
C ALA B 20 26.05 2.29 -27.07
N TRP B 21 25.78 0.99 -26.99
CA TRP B 21 26.72 0.06 -26.38
C TRP B 21 28.09 0.11 -27.05
N ASN B 22 29.13 0.13 -26.21
CA ASN B 22 30.50 0.20 -26.71
C ASN B 22 30.93 -1.16 -27.27
N ARG B 23 31.53 -1.15 -28.45
CA ARG B 23 32.12 -2.35 -29.03
C ARG B 23 33.63 -2.17 -29.13
N LYS B 24 34.38 -3.12 -28.57
CA LYS B 24 35.83 -3.13 -28.62
C LYS B 24 36.28 -4.39 -29.36
N ARG B 25 36.98 -4.20 -30.48
CA ARG B 25 37.49 -5.34 -31.23
C ARG B 25 38.76 -5.85 -30.55
N ILE B 26 38.76 -7.12 -30.21
CA ILE B 26 39.90 -7.77 -29.57
C ILE B 26 40.57 -8.66 -30.60
N SER B 27 41.83 -8.38 -30.90
CA SER B 27 42.53 -9.09 -31.96
C SER B 27 44.03 -9.01 -31.73
N ASN B 28 44.74 -10.03 -32.21
CA ASN B 28 46.20 -10.08 -32.22
C ASN B 28 46.77 -9.88 -30.81
N CYS B 29 46.34 -10.75 -29.90
CA CYS B 29 46.74 -10.64 -28.51
C CYS B 29 46.41 -11.96 -27.80
N VAL B 30 46.99 -12.13 -26.61
CA VAL B 30 46.70 -13.28 -25.76
C VAL B 30 45.54 -12.92 -24.83
N ALA B 31 44.52 -13.77 -24.79
CA ALA B 31 43.30 -13.50 -24.05
C ALA B 31 43.32 -14.32 -22.77
N ASP B 32 43.62 -13.67 -21.65
CA ASP B 32 43.59 -14.30 -20.33
C ASP B 32 42.16 -14.20 -19.80
N TYR B 33 41.41 -15.29 -19.90
CA TYR B 33 39.99 -15.29 -19.56
C TYR B 33 39.72 -15.55 -18.09
N SER B 34 40.71 -15.94 -17.31
CA SER B 34 40.54 -16.11 -15.87
C SER B 34 40.72 -14.81 -15.10
N VAL B 35 41.08 -13.72 -15.79
CA VAL B 35 41.15 -12.41 -15.15
C VAL B 35 39.80 -11.75 -15.01
N LEU B 36 38.76 -12.33 -15.65
CA LEU B 36 37.43 -11.73 -15.68
C LEU B 36 36.70 -12.03 -14.36
N TYR B 37 37.12 -11.31 -13.31
CA TYR B 37 36.37 -11.31 -12.05
C TYR B 37 36.81 -10.10 -11.25
N ASN B 38 35.88 -9.20 -10.95
CA ASN B 38 36.19 -7.95 -10.26
C ASN B 38 35.73 -7.96 -8.81
N PHE B 39 35.48 -9.14 -8.24
CA PHE B 39 34.93 -9.27 -6.90
C PHE B 39 33.64 -8.46 -6.76
N ALA B 40 32.79 -8.56 -7.77
CA ALA B 40 31.56 -7.78 -7.84
C ALA B 40 30.44 -8.45 -7.06
N PRO B 41 29.45 -7.68 -6.61
CA PRO B 41 28.39 -8.27 -5.77
C PRO B 41 27.58 -9.36 -6.45
N PHE B 42 27.16 -9.17 -7.70
CA PHE B 42 26.33 -10.15 -8.41
C PHE B 42 26.97 -10.45 -9.76
N PHE B 43 27.91 -11.40 -9.78
CA PHE B 43 28.62 -11.73 -11.00
C PHE B 43 27.84 -12.76 -11.81
N THR B 44 27.85 -12.58 -13.13
CA THR B 44 27.17 -13.49 -14.05
C THR B 44 28.12 -13.83 -15.20
N PHE B 45 28.21 -15.12 -15.53
CA PHE B 45 29.14 -15.58 -16.56
C PHE B 45 28.50 -16.80 -17.24
N LYS B 46 27.80 -16.56 -18.34
CA LYS B 46 27.16 -17.60 -19.13
C LYS B 46 27.62 -17.51 -20.58
N CYS B 47 28.05 -18.64 -21.14
CA CYS B 47 28.55 -18.71 -22.50
C CYS B 47 27.62 -19.57 -23.36
N TYR B 48 27.83 -19.50 -24.68
CA TYR B 48 26.92 -20.14 -25.64
C TYR B 48 27.72 -20.68 -26.81
N GLY B 49 27.60 -21.97 -27.10
CA GLY B 49 28.43 -22.60 -28.10
C GLY B 49 29.90 -22.78 -27.72
N VAL B 50 30.37 -22.09 -26.67
CA VAL B 50 31.75 -22.16 -26.18
C VAL B 50 31.67 -22.51 -24.70
N SER B 51 32.78 -22.99 -24.14
CA SER B 51 32.78 -23.55 -22.79
C SER B 51 33.55 -22.65 -21.85
N PRO B 52 32.89 -21.93 -20.92
CA PRO B 52 33.64 -21.06 -20.01
C PRO B 52 34.66 -21.81 -19.17
N THR B 53 34.40 -23.07 -18.83
CA THR B 53 35.43 -23.91 -18.21
C THR B 53 36.57 -24.12 -19.19
N LYS B 54 37.75 -23.61 -18.84
CA LYS B 54 38.92 -23.61 -19.72
C LYS B 54 38.60 -22.90 -21.04
N LEU B 55 38.21 -21.62 -20.91
CA LEU B 55 37.93 -20.79 -22.07
C LEU B 55 39.20 -20.38 -22.81
N ASN B 56 40.37 -20.62 -22.23
CA ASN B 56 41.66 -20.18 -22.78
C ASN B 56 42.38 -21.28 -23.55
N ASP B 57 41.65 -22.25 -24.08
CA ASP B 57 42.22 -23.31 -24.89
C ASP B 57 41.84 -23.18 -26.36
N LEU B 58 41.25 -22.05 -26.76
CA LEU B 58 40.72 -21.89 -28.10
C LEU B 58 41.27 -20.61 -28.74
N CYS B 59 41.61 -20.70 -30.02
CA CYS B 59 41.90 -19.54 -30.83
C CYS B 59 40.60 -19.05 -31.48
N PHE B 60 40.52 -17.74 -31.69
CA PHE B 60 39.36 -17.14 -32.35
C PHE B 60 39.83 -16.11 -33.36
N THR B 61 39.08 -15.99 -34.46
CA THR B 61 39.42 -15.04 -35.50
C THR B 61 39.37 -13.61 -34.97
N ASN B 62 38.31 -13.28 -34.23
CA ASN B 62 38.18 -11.99 -33.59
C ASN B 62 37.29 -12.16 -32.36
N VAL B 63 37.54 -11.31 -31.36
CA VAL B 63 36.71 -11.24 -30.16
C VAL B 63 36.14 -9.84 -30.08
N TYR B 64 34.83 -9.74 -29.93
CA TYR B 64 34.13 -8.46 -29.88
C TYR B 64 33.58 -8.28 -28.48
N ALA B 65 34.25 -7.46 -27.68
CA ALA B 65 33.83 -7.15 -26.32
C ALA B 65 32.83 -5.99 -26.39
N ASP B 66 31.56 -6.28 -26.14
CA ASP B 66 30.51 -5.28 -26.12
C ASP B 66 30.16 -4.96 -24.67
N SER B 67 30.30 -3.70 -24.28
CA SER B 67 30.10 -3.26 -22.91
C SER B 67 28.99 -2.23 -22.85
N PHE B 68 28.16 -2.33 -21.82
CA PHE B 68 27.05 -1.41 -21.60
C PHE B 68 26.53 -1.61 -20.19
N VAL B 69 25.62 -0.73 -19.78
CA VAL B 69 25.00 -0.78 -18.46
C VAL B 69 23.50 -0.89 -18.62
N ILE B 70 22.90 -1.88 -17.96
CA ILE B 70 21.47 -2.01 -17.79
C ILE B 70 21.18 -2.18 -16.31
N ARG B 71 19.91 -2.34 -15.98
CA ARG B 71 19.52 -2.62 -14.60
C ARG B 71 19.39 -4.13 -14.39
N GLY B 72 19.29 -4.52 -13.12
CA GLY B 72 19.41 -5.93 -12.76
C GLY B 72 18.42 -6.83 -13.47
N ASN B 73 17.18 -6.36 -13.63
CA ASN B 73 16.17 -7.18 -14.30
C ASN B 73 16.54 -7.46 -15.75
N GLU B 74 17.06 -6.44 -16.45
CA GLU B 74 17.28 -6.55 -17.89
C GLU B 74 18.49 -7.40 -18.26
N VAL B 75 19.28 -7.84 -17.29
CA VAL B 75 20.43 -8.70 -17.60
C VAL B 75 19.97 -10.00 -18.23
N ARG B 76 18.80 -10.51 -17.82
CA ARG B 76 18.28 -11.73 -18.43
C ARG B 76 18.02 -11.55 -19.92
N GLN B 77 17.78 -10.32 -20.36
CA GLN B 77 17.54 -10.06 -21.78
C GLN B 77 18.82 -10.10 -22.60
N ILE B 78 19.98 -10.10 -21.96
CA ILE B 78 21.26 -10.25 -22.69
C ILE B 78 21.51 -11.75 -22.76
N ALA B 79 20.88 -12.38 -23.75
CA ALA B 79 20.91 -13.81 -23.96
C ALA B 79 20.24 -14.11 -25.29
N PRO B 80 20.58 -15.21 -25.97
CA PRO B 80 19.97 -15.50 -27.27
C PRO B 80 18.46 -15.69 -27.15
N GLY B 81 17.73 -15.19 -28.15
CA GLY B 81 16.30 -15.39 -28.23
C GLY B 81 15.49 -14.73 -27.16
N GLN B 82 16.04 -13.76 -26.45
CA GLN B 82 15.31 -13.06 -25.40
C GLN B 82 14.52 -11.89 -25.97
N THR B 83 13.50 -11.49 -25.21
CA THR B 83 12.63 -10.39 -25.60
C THR B 83 12.51 -9.40 -24.46
N GLY B 84 12.28 -8.14 -24.81
CA GLY B 84 12.25 -7.05 -23.85
C GLY B 84 12.82 -5.80 -24.49
N ASN B 85 12.77 -4.70 -23.72
CA ASN B 85 13.22 -3.42 -24.25
C ASN B 85 14.68 -3.45 -24.68
N ILE B 86 15.53 -4.06 -23.86
CA ILE B 86 16.96 -4.07 -24.17
C ILE B 86 17.24 -4.97 -25.36
N ALA B 87 16.67 -6.18 -25.37
CA ALA B 87 16.89 -7.08 -26.50
C ALA B 87 16.29 -6.53 -27.78
N ASP B 88 15.06 -6.02 -27.72
CA ASP B 88 14.41 -5.54 -28.93
C ASP B 88 15.06 -4.27 -29.45
N TYR B 89 15.36 -3.32 -28.55
CA TYR B 89 15.70 -1.97 -28.97
C TYR B 89 17.12 -1.55 -28.67
N ASN B 90 17.85 -2.25 -27.80
CA ASN B 90 19.16 -1.80 -27.36
C ASN B 90 20.29 -2.74 -27.75
N TYR B 91 20.20 -4.02 -27.41
CA TYR B 91 21.28 -4.96 -27.69
C TYR B 91 20.68 -6.34 -27.88
N LYS B 92 20.61 -6.81 -29.11
CA LYS B 92 20.03 -8.11 -29.44
C LYS B 92 21.15 -9.12 -29.68
N LEU B 93 21.12 -10.22 -28.94
CA LEU B 93 22.04 -11.32 -29.21
C LEU B 93 21.40 -12.30 -30.19
N PRO B 94 22.16 -12.78 -31.17
CA PRO B 94 21.61 -13.71 -32.15
C PRO B 94 21.23 -15.04 -31.51
N ASP B 95 20.34 -15.76 -32.20
CA ASP B 95 19.94 -17.08 -31.73
C ASP B 95 21.14 -18.01 -31.67
N ASP B 96 22.03 -17.93 -32.65
CA ASP B 96 23.25 -18.74 -32.71
C ASP B 96 24.43 -18.05 -32.04
N PHE B 97 24.18 -17.19 -31.05
CA PHE B 97 25.23 -16.40 -30.43
C PHE B 97 26.36 -17.29 -29.91
N THR B 98 27.56 -17.08 -30.44
CA THR B 98 28.74 -17.77 -29.98
C THR B 98 29.55 -16.79 -29.14
N GLY B 99 29.55 -16.98 -27.84
CA GLY B 99 30.25 -16.07 -26.96
C GLY B 99 29.72 -16.17 -25.55
N CYS B 100 30.18 -15.25 -24.71
CA CYS B 100 29.85 -15.22 -23.29
C CYS B 100 29.24 -13.87 -22.94
N VAL B 101 28.40 -13.87 -21.91
CA VAL B 101 27.79 -12.65 -21.36
C VAL B 101 28.27 -12.52 -19.93
N ILE B 102 29.05 -11.48 -19.66
CA ILE B 102 29.59 -11.20 -18.32
C ILE B 102 28.87 -9.97 -17.80
N ALA B 103 28.21 -10.12 -16.65
CA ALA B 103 27.46 -9.02 -16.05
C ALA B 103 27.73 -9.01 -14.55
N TRP B 104 27.69 -7.81 -13.98
CA TRP B 104 27.93 -7.67 -12.55
C TRP B 104 27.30 -6.38 -12.06
N ASN B 105 26.93 -6.37 -10.78
CA ASN B 105 26.29 -5.20 -10.18
C ASN B 105 27.30 -4.09 -9.99
N SER B 106 26.96 -2.89 -10.45
CA SER B 106 27.82 -1.72 -10.36
C SER B 106 27.12 -0.59 -9.61
N ASN B 107 26.34 -0.95 -8.58
CA ASN B 107 25.66 0.04 -7.76
C ASN B 107 26.66 0.96 -7.06
N LYS B 108 27.86 0.44 -6.74
CA LYS B 108 28.89 1.27 -6.12
C LYS B 108 29.34 2.39 -7.05
N LEU B 109 29.46 2.09 -8.34
CA LEU B 109 30.00 3.03 -9.32
C LEU B 109 28.92 3.81 -10.06
N ASP B 110 27.91 3.13 -10.57
CA ASP B 110 26.97 3.73 -11.51
C ASP B 110 25.69 4.24 -10.85
N SER B 111 25.64 4.28 -9.53
CA SER B 111 24.49 4.84 -8.80
C SER B 111 24.90 6.09 -8.06
N LYS B 112 23.98 7.06 -8.03
CA LYS B 112 24.17 8.31 -7.31
C LYS B 112 22.93 8.60 -6.49
N VAL B 113 23.12 9.28 -5.35
CA VAL B 113 22.00 9.63 -4.49
C VAL B 113 21.01 10.51 -5.25
N SER B 114 21.51 11.49 -5.99
CA SER B 114 20.66 12.33 -6.83
C SER B 114 20.16 11.60 -8.06
N GLY B 115 20.69 10.41 -8.35
CA GLY B 115 20.28 9.65 -9.51
C GLY B 115 21.22 9.81 -10.69
N ASN B 116 21.86 8.71 -11.09
CA ASN B 116 22.78 8.74 -12.22
C ASN B 116 21.97 8.63 -13.50
N TYR B 117 21.87 9.75 -14.24
CA TYR B 117 21.16 9.79 -15.51
C TYR B 117 22.09 9.68 -16.70
N ASN B 118 23.34 9.26 -16.47
CA ASN B 118 24.28 9.05 -17.58
C ASN B 118 23.82 7.90 -18.46
N TYR B 119 23.29 6.83 -17.88
CA TYR B 119 22.96 5.63 -18.61
C TYR B 119 21.54 5.69 -19.14
N LEU B 120 21.39 5.58 -20.45
CA LEU B 120 20.10 5.59 -21.11
C LEU B 120 19.82 4.23 -21.73
N TYR B 121 18.58 4.08 -22.19
CA TYR B 121 18.16 2.91 -22.95
C TYR B 121 17.11 3.36 -23.95
N ARG B 122 16.97 2.61 -25.03
CA ARG B 122 15.98 2.94 -26.05
C ARG B 122 14.66 2.29 -25.67
N LEU B 123 13.67 3.13 -25.37
CA LEU B 123 12.35 2.66 -24.96
C LEU B 123 11.44 2.39 -26.14
N PHE B 124 11.63 3.08 -27.26
CA PHE B 124 10.76 2.96 -28.42
C PHE B 124 11.58 2.76 -29.68
N ARG B 125 11.03 1.98 -30.61
CA ARG B 125 11.62 1.82 -31.93
C ARG B 125 10.55 1.26 -32.87
N LYS B 126 10.62 1.69 -34.13
CA LYS B 126 9.66 1.22 -35.12
C LYS B 126 9.75 -0.29 -35.32
N SER B 127 10.92 -0.87 -35.06
CA SER B 127 11.13 -2.29 -35.22
C SER B 127 12.21 -2.74 -34.23
N ASN B 128 12.34 -4.05 -34.07
CA ASN B 128 13.34 -4.60 -33.18
C ASN B 128 14.73 -4.48 -33.81
N LEU B 129 15.72 -4.97 -33.08
CA LEU B 129 17.12 -4.90 -33.50
C LEU B 129 17.56 -6.20 -34.14
N LYS B 130 18.25 -6.10 -35.26
CA LYS B 130 19.00 -7.23 -35.76
C LYS B 130 20.12 -7.55 -34.79
N PRO B 131 20.57 -8.81 -34.75
CA PRO B 131 21.67 -9.17 -33.84
C PRO B 131 22.87 -8.25 -34.01
N PHE B 132 23.33 -7.69 -32.89
CA PHE B 132 24.46 -6.78 -32.81
C PHE B 132 24.22 -5.46 -33.53
N GLU B 133 22.96 -5.12 -33.80
CA GLU B 133 22.67 -3.80 -34.32
C GLU B 133 22.79 -2.76 -33.20
N ARG B 134 23.08 -1.52 -33.58
CA ARG B 134 23.20 -0.42 -32.62
C ARG B 134 22.48 0.79 -33.19
N ASP B 135 21.48 1.28 -32.46
CA ASP B 135 20.71 2.45 -32.86
C ASP B 135 20.98 3.57 -31.86
N ILE B 136 21.83 4.53 -32.24
CA ILE B 136 22.12 5.69 -31.40
C ILE B 136 21.32 6.91 -31.84
N SER B 137 20.42 6.75 -32.80
CA SER B 137 19.64 7.88 -33.29
C SER B 137 18.72 8.42 -32.20
N THR B 138 18.66 9.74 -32.08
CA THR B 138 17.79 10.42 -31.13
C THR B 138 16.56 11.01 -31.81
N GLU B 139 16.23 10.53 -33.01
CA GLU B 139 15.04 10.99 -33.71
C GLU B 139 13.80 10.68 -32.88
N ILE B 140 12.90 11.67 -32.79
CA ILE B 140 11.70 11.54 -31.96
C ILE B 140 10.84 10.41 -32.50
N TYR B 141 10.53 9.44 -31.63
CA TYR B 141 9.69 8.32 -32.01
C TYR B 141 8.28 8.80 -32.32
N GLN B 142 7.73 8.34 -33.43
CA GLN B 142 6.39 8.72 -33.89
C GLN B 142 5.42 7.61 -33.50
N ALA B 143 4.64 7.85 -32.45
CA ALA B 143 3.61 6.90 -32.03
C ALA B 143 2.26 7.20 -32.65
N GLY B 144 1.94 8.47 -32.86
CA GLY B 144 0.71 8.87 -33.52
C GLY B 144 0.86 8.91 -35.02
N ASN B 145 -0.11 9.55 -35.68
CA ASN B 145 -0.09 9.60 -37.16
C ASN B 145 0.22 11.05 -37.56
N LYS B 146 0.30 11.97 -36.61
CA LYS B 146 0.69 13.35 -36.87
C LYS B 146 2.21 13.46 -36.89
N PRO B 147 2.76 14.57 -37.38
CA PRO B 147 4.22 14.68 -37.46
C PRO B 147 4.83 14.93 -36.07
N CYS B 148 6.12 14.63 -35.95
CA CYS B 148 6.85 14.88 -34.72
C CYS B 148 7.67 16.16 -34.75
N ASN B 149 8.06 16.61 -35.95
CA ASN B 149 8.76 17.89 -36.15
C ASN B 149 10.06 17.97 -35.36
N GLY B 150 10.58 16.84 -34.89
CA GLY B 150 11.83 16.82 -34.18
C GLY B 150 11.77 17.19 -32.71
N VAL B 151 10.59 17.48 -32.18
CA VAL B 151 10.43 17.88 -30.79
C VAL B 151 9.45 16.93 -30.11
N ALA B 152 9.67 16.69 -28.82
CA ALA B 152 8.82 15.80 -28.06
C ALA B 152 7.48 16.48 -27.76
N GLY B 153 6.41 15.70 -27.82
CA GLY B 153 5.08 16.21 -27.54
C GLY B 153 4.07 15.10 -27.38
N PHE B 154 2.82 15.36 -27.76
CA PHE B 154 1.78 14.35 -27.72
C PHE B 154 1.99 13.34 -28.84
N ASN B 155 2.05 12.06 -28.49
CA ASN B 155 2.35 10.92 -29.36
C ASN B 155 3.74 10.97 -29.99
N CYS B 156 4.56 11.99 -29.66
CA CYS B 156 5.94 12.10 -30.13
C CYS B 156 6.84 12.11 -28.91
N TYR B 157 7.51 10.99 -28.67
CA TYR B 157 8.33 10.79 -27.49
C TYR B 157 9.80 10.71 -27.90
N PHE B 158 10.66 11.29 -27.07
CA PHE B 158 12.09 11.07 -27.21
C PHE B 158 12.37 9.58 -26.96
N PRO B 159 13.01 8.88 -27.91
CA PRO B 159 13.08 7.41 -27.81
C PRO B 159 13.96 6.90 -26.67
N LEU B 160 14.75 7.76 -26.04
CA LEU B 160 15.69 7.34 -25.00
C LEU B 160 15.18 7.76 -23.64
N ARG B 161 15.16 6.82 -22.71
CA ARG B 161 14.83 7.08 -21.32
C ARG B 161 16.03 6.74 -20.45
N SER B 162 16.18 7.50 -19.37
CA SER B 162 17.31 7.32 -18.48
C SER B 162 16.95 6.41 -17.32
N TYR B 163 17.94 5.65 -16.86
CA TYR B 163 17.71 4.73 -15.74
C TYR B 163 17.57 5.49 -14.41
N GLY B 164 18.32 6.57 -14.23
CA GLY B 164 18.29 7.32 -12.99
C GLY B 164 18.71 6.50 -11.80
N PHE B 165 19.82 5.77 -11.95
CA PHE B 165 20.26 4.84 -10.92
C PHE B 165 20.52 5.56 -9.60
N ARG B 166 19.97 5.00 -8.52
CA ARG B 166 20.21 5.48 -7.18
C ARG B 166 20.63 4.29 -6.31
N PRO B 167 21.53 4.50 -5.35
CA PRO B 167 22.08 3.35 -4.61
C PRO B 167 21.04 2.61 -3.79
N THR B 168 19.91 3.26 -3.52
CA THR B 168 18.85 2.64 -2.66
C THR B 168 17.86 1.84 -3.53
N TYR B 169 18.06 1.79 -4.85
CA TYR B 169 17.21 0.99 -5.70
C TYR B 169 17.31 -0.48 -5.31
N GLY B 170 16.26 -1.24 -5.64
CA GLY B 170 16.33 -2.67 -5.51
C GLY B 170 17.34 -3.27 -6.48
N VAL B 171 17.74 -4.51 -6.18
CA VAL B 171 18.74 -5.18 -7.00
C VAL B 171 18.28 -5.28 -8.45
N GLY B 172 16.98 -5.47 -8.68
CA GLY B 172 16.46 -5.52 -10.03
C GLY B 172 16.54 -4.20 -10.78
N HIS B 173 16.63 -3.08 -10.06
CA HIS B 173 16.78 -1.77 -10.67
C HIS B 173 18.17 -1.17 -10.52
N GLN B 174 19.06 -1.82 -9.77
CA GLN B 174 20.43 -1.31 -9.63
C GLN B 174 21.20 -1.48 -10.94
N PRO B 175 22.19 -0.62 -11.19
CA PRO B 175 22.95 -0.72 -12.44
C PRO B 175 23.80 -1.99 -12.48
N TYR B 176 23.89 -2.57 -13.67
CA TYR B 176 24.69 -3.77 -13.89
C TYR B 176 25.56 -3.55 -15.13
N ARG B 177 26.87 -3.46 -14.92
CA ARG B 177 27.79 -3.41 -16.05
C ARG B 177 27.84 -4.77 -16.72
N VAL B 178 27.60 -4.78 -18.03
CA VAL B 178 27.52 -6.00 -18.81
C VAL B 178 28.57 -5.95 -19.91
N VAL B 179 29.39 -6.99 -19.98
CA VAL B 179 30.34 -7.17 -21.07
C VAL B 179 29.94 -8.41 -21.84
N VAL B 180 29.72 -8.26 -23.15
CA VAL B 180 29.39 -9.38 -24.03
C VAL B 180 30.62 -9.67 -24.87
N LEU B 181 31.23 -10.83 -24.64
CA LEU B 181 32.34 -11.31 -25.45
C LEU B 181 31.76 -12.09 -26.62
N SER B 182 31.87 -11.52 -27.82
CA SER B 182 31.39 -12.16 -29.04
C SER B 182 32.58 -12.79 -29.74
N PHE B 183 32.62 -14.11 -29.78
CA PHE B 183 33.72 -14.84 -30.41
C PHE B 183 33.40 -15.06 -31.88
N GLU B 184 34.26 -14.55 -32.76
CA GLU B 184 34.07 -14.64 -34.19
C GLU B 184 34.87 -15.80 -34.76
N LEU B 185 34.31 -16.49 -35.74
CA LEU B 185 34.96 -17.61 -36.39
C LEU B 185 34.88 -17.41 -37.90
N LEU B 186 36.04 -17.27 -38.54
CA LEU B 186 36.09 -17.04 -39.98
C LEU B 186 37.10 -17.97 -40.65
N HIS B 187 37.36 -17.74 -41.94
CA HIS B 187 38.35 -18.48 -42.69
C HIS B 187 39.74 -17.87 -42.57
N ALA B 188 40.00 -17.12 -41.51
CA ALA B 188 41.18 -16.31 -41.31
C ALA B 188 42.14 -16.99 -40.34
N PRO B 189 43.39 -16.52 -40.23
CA PRO B 189 44.37 -17.19 -39.36
C PRO B 189 43.96 -17.34 -37.90
N ALA B 190 42.85 -16.74 -37.45
CA ALA B 190 42.37 -16.89 -36.07
C ALA B 190 43.43 -16.43 -35.06
N THR B 191 43.68 -15.12 -35.09
CA THR B 191 44.80 -14.52 -34.37
C THR B 191 44.45 -14.06 -32.95
N VAL B 192 43.47 -14.69 -32.29
CA VAL B 192 43.24 -14.45 -30.88
C VAL B 192 43.29 -15.80 -30.19
N CYS B 193 44.49 -16.20 -29.78
CA CYS B 193 44.74 -17.39 -28.99
C CYS B 193 45.08 -16.98 -27.57
N GLY B 194 45.54 -17.93 -26.76
CA GLY B 194 46.14 -17.60 -25.50
C GLY B 194 45.60 -18.35 -24.32
N PRO B 195 46.48 -19.07 -23.61
CA PRO B 195 46.16 -19.79 -22.38
C PRO B 195 46.03 -18.86 -21.18
#